data_8P7A
#
_entry.id   8P7A
#
_cell.length_a   105.610
_cell.length_b   190.240
_cell.length_c   58.720
_cell.angle_alpha   90.000
_cell.angle_beta   90.000
_cell.angle_gamma   90.000
#
_symmetry.space_group_name_H-M   'P 21 21 2'
#
_entity_poly.entity_id   1
_entity_poly.type   'polypeptide(L)'
_entity_poly.pdbx_seq_one_letter_code
;LKQVRPGMDLSKVVLPTFILEPRSFLDKLSDYYYHADFLSEAALEENPYFRLKKVVKWYLSGFYKKPKGLKKPYNPILGE
TFRCLWIHPRTNSKTFYIAEQVSHHPPISAFYVSNRKDGFCLSGSILAKSKFYGNSLSAILEGEARLTFLNRGEDYVMTM
PYAHCKGILYGTMTLELGGTVNITCQKTGYSAILEFKLKPFLGSSDCVNQISGKLKLGKEVLATLEGHWDSEVFITDKKT
DNSEVFWNPTPDIKQWRLIRHTVKFEEQGDFESEKLWQRVTRAINAKDQTEATQEKYVLEEAQRQAARDRKTKNEEWSCK
LFELDPLTGEWHYKFADTRPWDPLNDMIQFEKDGVIQTKVKHRTPMVSVPKMKHKPTRQQK
;
_entity_poly.pdbx_strand_id   A,B
#
# COMPACT_ATOMS: atom_id res chain seq x y z
N PRO A 16 -35.96 -27.50 15.78
CA PRO A 16 -36.19 -26.79 17.04
C PRO A 16 -35.78 -25.32 16.98
N THR A 17 -36.38 -24.48 17.83
CA THR A 17 -36.03 -23.08 17.91
C THR A 17 -35.73 -22.61 19.34
N PHE A 18 -35.90 -23.45 20.35
CA PHE A 18 -35.37 -23.14 21.67
C PHE A 18 -33.88 -22.86 21.62
N ILE A 19 -33.21 -23.27 20.53
CA ILE A 19 -31.81 -22.94 20.30
C ILE A 19 -31.80 -21.58 19.58
N LEU A 20 -31.84 -20.51 20.37
CA LEU A 20 -31.92 -19.17 19.81
C LEU A 20 -31.30 -18.17 20.78
N GLU A 21 -30.26 -17.47 20.31
CA GLU A 21 -29.69 -16.35 21.05
C GLU A 21 -30.44 -15.07 20.69
N PRO A 22 -30.77 -14.19 21.67
CA PRO A 22 -31.46 -12.91 21.38
C PRO A 22 -30.58 -11.82 20.75
N ARG A 23 -29.77 -12.19 19.75
CA ARG A 23 -28.88 -11.25 19.08
C ARG A 23 -28.92 -11.52 17.58
N SER A 24 -28.90 -10.45 16.79
CA SER A 24 -28.84 -10.60 15.34
C SER A 24 -27.44 -11.08 14.94
N PHE A 25 -27.38 -11.73 13.78
CA PHE A 25 -26.10 -12.20 13.26
C PHE A 25 -25.15 -11.03 13.03
N LEU A 26 -25.68 -9.89 12.59
CA LEU A 26 -24.86 -8.68 12.46
C LEU A 26 -24.33 -8.24 13.82
N ASP A 27 -25.10 -8.44 14.88
CA ASP A 27 -24.63 -8.12 16.22
C ASP A 27 -23.54 -9.07 16.66
N LYS A 28 -23.76 -10.38 16.48
CA LYS A 28 -22.76 -11.37 16.87
C LYS A 28 -21.49 -11.23 16.03
N LEU A 29 -21.60 -10.69 14.82
CA LEU A 29 -20.44 -10.55 13.95
C LEU A 29 -19.46 -9.49 14.44
N SER A 30 -19.90 -8.60 15.33
CA SER A 30 -19.05 -7.54 15.85
C SER A 30 -18.27 -7.96 17.10
N ASP A 31 -18.49 -9.18 17.60
CA ASP A 31 -17.83 -9.61 18.82
C ASP A 31 -16.32 -9.72 18.67
N TYR A 32 -15.81 -9.83 17.44
CA TYR A 32 -14.39 -10.09 17.24
C TYR A 32 -13.51 -8.89 17.49
N TYR A 33 -14.09 -7.70 17.73
CA TYR A 33 -13.33 -6.47 17.86
C TYR A 33 -13.35 -5.91 19.28
N TYR A 34 -13.74 -6.72 20.26
CA TYR A 34 -13.66 -6.29 21.65
C TYR A 34 -12.22 -6.16 22.13
N HIS A 35 -11.28 -6.73 21.38
CA HIS A 35 -9.84 -6.57 21.69
C HIS A 35 -9.14 -5.83 20.54
N ALA A 36 -9.80 -4.87 19.90
CA ALA A 36 -9.15 -4.03 18.90
C ALA A 36 -7.98 -3.27 19.51
N ASP A 37 -7.92 -3.21 20.84
N ASP A 37 -7.85 -3.31 20.84
CA ASP A 37 -6.72 -2.73 21.52
CA ASP A 37 -6.67 -2.68 21.48
C ASP A 37 -5.47 -3.36 20.91
C ASP A 37 -5.41 -3.39 20.99
N PHE A 38 -5.52 -4.68 20.67
CA PHE A 38 -4.36 -5.39 20.13
C PHE A 38 -3.99 -4.88 18.75
N LEU A 39 -4.99 -4.62 17.89
CA LEU A 39 -4.70 -4.24 16.52
C LEU A 39 -4.01 -2.88 16.44
N SER A 40 -4.33 -1.97 17.35
CA SER A 40 -3.58 -0.72 17.43
C SER A 40 -2.11 -0.98 17.73
N GLU A 41 -1.86 -1.89 18.68
CA GLU A 41 -0.48 -2.28 18.98
C GLU A 41 0.21 -2.85 17.76
N ALA A 42 -0.47 -3.74 17.03
CA ALA A 42 0.14 -4.39 15.88
C ALA A 42 0.50 -3.38 14.80
N ALA A 43 -0.34 -2.36 14.62
CA ALA A 43 -0.04 -1.32 13.62
C ALA A 43 1.29 -0.64 13.90
N LEU A 44 1.64 -0.50 15.18
CA LEU A 44 2.87 0.18 15.57
C LEU A 44 4.09 -0.75 15.57
N GLU A 45 3.89 -2.05 15.76
CA GLU A 45 5.01 -2.98 15.76
C GLU A 45 5.75 -2.89 14.43
N GLU A 46 7.06 -2.64 14.50
CA GLU A 46 7.86 -2.43 13.30
C GLU A 46 8.43 -3.71 12.73
N ASN A 47 8.58 -4.76 13.54
CA ASN A 47 9.10 -6.03 13.05
C ASN A 47 8.02 -6.76 12.27
N PRO A 48 8.25 -7.11 11.00
CA PRO A 48 7.18 -7.81 10.25
C PRO A 48 6.73 -9.10 10.91
N TYR A 49 7.66 -9.86 11.48
CA TYR A 49 7.29 -11.12 12.14
C TYR A 49 6.39 -10.84 13.35
N PHE A 50 6.76 -9.88 14.19
CA PHE A 50 6.00 -9.60 15.39
C PHE A 50 4.63 -9.01 15.10
N ARG A 51 4.44 -8.39 13.93
CA ARG A 51 3.10 -7.95 13.54
C ARG A 51 2.19 -9.16 13.29
N LEU A 52 2.67 -10.16 12.57
CA LEU A 52 1.86 -11.38 12.37
C LEU A 52 1.52 -12.01 13.73
N LYS A 53 2.49 -12.08 14.64
CA LYS A 53 2.20 -12.67 15.94
C LYS A 53 1.08 -11.90 16.64
N LYS A 54 1.10 -10.57 16.58
CA LYS A 54 0.09 -9.79 17.27
C LYS A 54 -1.24 -9.77 16.51
N VAL A 55 -1.20 -9.86 15.18
CA VAL A 55 -2.44 -10.02 14.43
C VAL A 55 -3.10 -11.35 14.78
N VAL A 56 -2.32 -12.42 14.80
CA VAL A 56 -2.88 -13.74 15.14
C VAL A 56 -3.38 -13.75 16.58
N LYS A 57 -2.61 -13.17 17.49
CA LYS A 57 -3.03 -13.10 18.88
C LYS A 57 -4.38 -12.41 19.01
N TRP A 58 -4.62 -11.36 18.21
CA TRP A 58 -5.93 -10.75 18.18
C TRP A 58 -6.99 -11.70 17.64
N TYR A 59 -6.66 -12.43 16.57
CA TYR A 59 -7.63 -13.34 15.96
C TYR A 59 -8.15 -14.35 16.98
N LEU A 60 -7.25 -14.95 17.74
CA LEU A 60 -7.63 -15.92 18.76
C LEU A 60 -8.37 -15.28 19.93
N SER A 61 -8.32 -13.95 20.06
CA SER A 61 -8.96 -13.28 21.17
C SER A 61 -10.46 -13.11 20.99
N GLY A 62 -10.99 -13.42 19.82
CA GLY A 62 -12.40 -13.23 19.52
C GLY A 62 -13.25 -14.47 19.60
N PHE A 63 -12.72 -15.59 20.12
CA PHE A 63 -13.46 -16.84 20.18
C PHE A 63 -13.74 -17.35 21.58
N TYR A 64 -13.21 -16.71 22.62
CA TYR A 64 -13.31 -17.32 23.95
C TYR A 64 -14.62 -17.02 24.65
N LYS A 65 -15.27 -15.89 24.33
CA LYS A 65 -16.57 -15.62 24.92
C LYS A 65 -17.68 -16.50 24.34
N LYS A 66 -17.46 -17.06 23.14
CA LYS A 66 -18.44 -17.92 22.48
C LYS A 66 -19.04 -18.91 23.48
N PRO A 67 -20.37 -18.93 23.65
CA PRO A 67 -20.99 -19.96 24.47
C PRO A 67 -21.38 -21.17 23.64
N LYS A 68 -21.49 -22.31 24.33
CA LYS A 68 -21.78 -23.59 23.69
C LYS A 68 -23.22 -23.98 23.95
N GLY A 69 -23.91 -24.43 22.88
CA GLY A 69 -25.26 -24.94 23.02
C GLY A 69 -26.30 -24.23 22.19
N LEU A 70 -27.25 -23.59 22.86
CA LEU A 70 -28.41 -23.01 22.19
C LEU A 70 -28.04 -21.91 21.20
N LYS A 71 -26.86 -21.29 21.35
CA LYS A 71 -26.55 -20.07 20.62
C LYS A 71 -26.86 -20.21 19.13
N LYS A 72 -27.78 -19.36 18.66
CA LYS A 72 -28.21 -19.38 17.26
C LYS A 72 -28.65 -17.98 16.87
N PRO A 73 -27.70 -17.13 16.47
CA PRO A 73 -28.05 -15.76 16.06
C PRO A 73 -29.21 -15.73 15.08
N TYR A 74 -29.97 -14.62 15.13
CA TYR A 74 -31.04 -14.42 14.17
C TYR A 74 -30.48 -14.36 12.75
N ASN A 75 -31.15 -15.05 11.83
CA ASN A 75 -30.87 -14.85 10.42
C ASN A 75 -31.30 -13.43 10.05
N PRO A 76 -30.38 -12.50 9.79
CA PRO A 76 -30.79 -11.10 9.62
C PRO A 76 -31.61 -10.89 8.36
N ILE A 77 -32.44 -9.85 8.42
CA ILE A 77 -33.39 -9.55 7.32
C ILE A 77 -32.72 -8.65 6.30
N LEU A 78 -33.07 -8.80 5.03
CA LEU A 78 -32.53 -7.92 4.01
C LEU A 78 -32.74 -6.47 4.42
N GLY A 79 -31.70 -5.66 4.25
CA GLY A 79 -31.74 -4.27 4.66
C GLY A 79 -31.51 -4.04 6.13
N GLU A 80 -31.34 -5.10 6.92
CA GLU A 80 -31.03 -4.96 8.34
C GLU A 80 -29.62 -4.43 8.52
N THR A 81 -29.43 -3.58 9.52
CA THR A 81 -28.16 -2.90 9.73
C THR A 81 -27.85 -2.86 11.22
N PHE A 82 -26.60 -3.18 11.56
CA PHE A 82 -26.11 -3.05 12.92
C PHE A 82 -24.95 -2.06 12.94
N ARG A 83 -24.93 -1.24 13.98
CA ARG A 83 -23.93 -0.15 14.05
C ARG A 83 -23.48 0.01 15.51
N CYS A 84 -22.17 -0.03 15.74
CA CYS A 84 -21.66 0.04 17.11
C CYS A 84 -20.25 0.60 17.11
N LEU A 85 -19.72 0.79 18.32
CA LEU A 85 -18.53 1.59 18.56
C LEU A 85 -17.77 1.02 19.76
N TRP A 86 -16.44 1.16 19.74
CA TRP A 86 -15.59 0.81 20.88
C TRP A 86 -14.66 1.96 21.22
N ILE A 87 -14.23 2.01 22.48
CA ILE A 87 -13.42 3.11 22.99
C ILE A 87 -12.02 2.60 23.33
N HIS A 88 -11.00 3.29 22.80
CA HIS A 88 -9.60 2.96 23.07
C HIS A 88 -9.02 4.01 24.01
N PRO A 89 -8.97 3.76 25.33
CA PRO A 89 -8.40 4.78 26.22
C PRO A 89 -6.93 5.07 25.96
N ARG A 90 -6.13 4.02 25.78
CA ARG A 90 -4.68 4.22 25.70
C ARG A 90 -4.28 5.07 24.50
N THR A 91 -4.89 4.81 23.34
CA THR A 91 -4.62 5.59 22.14
C THR A 91 -5.60 6.75 21.97
N ASN A 92 -6.59 6.88 22.84
CA ASN A 92 -7.55 7.97 22.77
C ASN A 92 -8.20 8.02 21.39
N SER A 93 -8.88 6.93 21.04
CA SER A 93 -9.50 6.79 19.73
C SER A 93 -10.68 5.84 19.86
N LYS A 94 -11.30 5.61 18.69
CA LYS A 94 -12.52 4.77 18.63
C LYS A 94 -12.47 3.84 17.42
N THR A 95 -13.00 2.63 17.57
CA THR A 95 -13.11 1.67 16.49
C THR A 95 -14.60 1.54 16.12
N PHE A 96 -14.93 1.88 14.88
CA PHE A 96 -16.30 1.88 14.42
C PHE A 96 -16.61 0.60 13.64
N TYR A 97 -17.85 0.15 13.75
CA TYR A 97 -18.30 -1.06 13.08
C TYR A 97 -19.66 -0.81 12.46
N ILE A 98 -19.80 -1.16 11.18
CA ILE A 98 -21.06 -1.05 10.46
C ILE A 98 -21.24 -2.29 9.61
N ALA A 99 -22.41 -2.92 9.70
CA ALA A 99 -22.71 -4.12 8.94
C ALA A 99 -24.13 -4.02 8.39
N GLU A 100 -24.31 -4.58 7.19
CA GLU A 100 -25.61 -4.57 6.53
C GLU A 100 -25.85 -5.91 5.84
N GLN A 101 -27.08 -6.40 5.96
CA GLN A 101 -27.51 -7.57 5.21
C GLN A 101 -27.79 -7.16 3.77
N VAL A 102 -27.03 -7.70 2.82
CA VAL A 102 -27.11 -7.27 1.43
C VAL A 102 -27.98 -8.22 0.63
N SER A 103 -28.07 -9.45 1.10
CA SER A 103 -28.87 -10.49 0.42
C SER A 103 -29.41 -11.51 1.41
N HIS A 104 -30.70 -11.83 1.33
CA HIS A 104 -31.27 -12.88 2.14
C HIS A 104 -31.26 -14.22 1.44
N HIS A 105 -31.26 -14.22 0.10
CA HIS A 105 -31.12 -15.42 -0.71
C HIS A 105 -30.14 -15.08 -1.84
N PRO A 106 -28.84 -15.29 -1.63
CA PRO A 106 -28.18 -15.99 -0.52
C PRO A 106 -28.03 -15.13 0.73
N PRO A 107 -27.85 -15.76 1.91
CA PRO A 107 -27.71 -15.02 3.17
C PRO A 107 -26.29 -14.48 3.43
N ILE A 108 -26.05 -13.34 2.77
CA ILE A 108 -24.73 -12.68 2.84
C ILE A 108 -24.83 -11.38 3.64
N SER A 109 -23.95 -11.21 4.60
CA SER A 109 -23.90 -9.97 5.36
C SER A 109 -22.51 -9.36 5.24
N ALA A 110 -22.46 -8.07 4.91
CA ALA A 110 -21.21 -7.35 4.74
C ALA A 110 -20.96 -6.44 5.94
N PHE A 111 -19.69 -6.25 6.25
CA PHE A 111 -19.29 -5.44 7.40
C PHE A 111 -18.09 -4.57 7.04
N TYR A 112 -17.92 -3.50 7.80
CA TYR A 112 -16.78 -2.61 7.66
C TYR A 112 -16.38 -2.12 9.04
N VAL A 113 -15.07 -2.10 9.30
CA VAL A 113 -14.51 -1.63 10.55
C VAL A 113 -13.43 -0.62 10.23
N SER A 114 -13.42 0.50 10.95
CA SER A 114 -12.47 1.57 10.69
C SER A 114 -12.03 2.22 11.99
N ASN A 115 -10.73 2.34 12.18
CA ASN A 115 -10.13 3.17 13.23
C ASN A 115 -8.91 3.83 12.59
N ARG A 116 -9.11 5.05 12.07
CA ARG A 116 -8.04 5.69 11.32
C ARG A 116 -6.95 6.26 12.24
N LYS A 117 -7.32 6.76 13.41
CA LYS A 117 -6.30 7.31 14.31
C LYS A 117 -5.31 6.24 14.74
N ASP A 118 -5.78 5.01 14.96
CA ASP A 118 -4.91 3.90 15.30
C ASP A 118 -4.37 3.17 14.09
N GLY A 119 -4.82 3.52 12.89
CA GLY A 119 -4.17 3.05 11.68
C GLY A 119 -4.51 1.64 11.26
N PHE A 120 -5.77 1.22 11.42
CA PHE A 120 -6.17 -0.08 10.91
C PHE A 120 -7.65 -0.05 10.54
N CYS A 121 -8.04 -0.98 9.68
CA CYS A 121 -9.44 -1.13 9.28
C CYS A 121 -9.62 -2.54 8.74
N LEU A 122 -10.86 -3.03 8.81
CA LEU A 122 -11.21 -4.36 8.32
C LEU A 122 -12.45 -4.28 7.46
N SER A 123 -12.51 -5.14 6.44
CA SER A 123 -13.66 -5.25 5.57
C SER A 123 -13.87 -6.73 5.24
N GLY A 124 -15.09 -7.06 4.84
CA GLY A 124 -15.37 -8.44 4.49
C GLY A 124 -16.84 -8.66 4.20
N SER A 125 -17.14 -9.89 3.81
CA SER A 125 -18.48 -10.33 3.51
C SER A 125 -18.57 -11.81 3.88
N ILE A 126 -19.65 -12.18 4.56
CA ILE A 126 -19.81 -13.52 5.12
C ILE A 126 -21.07 -14.15 4.55
N LEU A 127 -20.93 -15.35 3.98
CA LEU A 127 -22.08 -16.13 3.47
C LEU A 127 -22.34 -17.28 4.45
N ALA A 128 -23.59 -17.46 4.82
CA ALA A 128 -23.98 -18.49 5.78
C ALA A 128 -24.60 -19.67 5.04
N LYS A 129 -24.05 -20.86 5.28
CA LYS A 129 -24.61 -22.11 4.77
C LYS A 129 -24.62 -23.12 5.89
N SER A 130 -25.74 -23.81 6.07
CA SER A 130 -25.87 -24.84 7.09
C SER A 130 -26.04 -26.20 6.44
N LYS A 131 -25.65 -27.24 7.17
CA LYS A 131 -25.81 -28.62 6.72
C LYS A 131 -26.30 -29.44 7.91
N PHE A 132 -27.35 -30.22 7.69
CA PHE A 132 -28.04 -30.94 8.75
C PHE A 132 -27.71 -32.42 8.66
N TYR A 133 -27.06 -32.94 9.70
CA TYR A 133 -26.75 -34.36 9.81
C TYR A 133 -27.78 -35.11 10.65
N GLY A 134 -28.94 -34.51 10.88
CA GLY A 134 -29.93 -35.08 11.79
C GLY A 134 -29.73 -34.58 13.21
N ASN A 135 -29.09 -35.38 14.05
CA ASN A 135 -28.86 -34.98 15.43
C ASN A 135 -27.89 -33.81 15.54
N SER A 136 -26.95 -33.69 14.59
CA SER A 136 -25.94 -32.64 14.62
C SER A 136 -26.14 -31.67 13.47
N LEU A 137 -25.82 -30.40 13.75
CA LEU A 137 -25.90 -29.33 12.72
C LEU A 137 -24.55 -28.65 12.62
N SER A 138 -24.15 -28.28 11.41
CA SER A 138 -22.91 -27.57 11.16
C SER A 138 -23.24 -26.35 10.30
N ALA A 139 -23.04 -25.16 10.85
CA ALA A 139 -23.22 -23.91 10.12
C ALA A 139 -21.86 -23.35 9.75
N ILE A 140 -21.65 -23.10 8.46
CA ILE A 140 -20.37 -22.61 7.97
C ILE A 140 -20.47 -21.12 7.69
N LEU A 141 -19.36 -20.43 7.85
CA LEU A 141 -19.23 -19.00 7.51
C LEU A 141 -18.06 -18.88 6.55
N GLU A 142 -18.36 -18.69 5.27
CA GLU A 142 -17.34 -18.61 4.25
C GLU A 142 -17.26 -17.19 3.72
N GLY A 143 -16.04 -16.72 3.54
CA GLY A 143 -15.77 -15.34 3.18
C GLY A 143 -14.44 -14.92 3.77
N GLU A 144 -13.87 -13.87 3.18
CA GLU A 144 -12.54 -13.40 3.53
C GLU A 144 -12.63 -12.04 4.19
N ALA A 145 -11.93 -11.88 5.31
CA ALA A 145 -11.81 -10.61 5.99
C ALA A 145 -10.45 -10.01 5.70
N ARG A 146 -10.41 -8.75 5.30
CA ARG A 146 -9.19 -8.06 4.92
C ARG A 146 -8.85 -7.04 6.00
N LEU A 147 -7.78 -7.30 6.75
CA LEU A 147 -7.25 -6.35 7.72
C LEU A 147 -6.16 -5.53 7.03
N THR A 148 -6.31 -4.20 7.06
CA THR A 148 -5.35 -3.30 6.44
C THR A 148 -4.80 -2.35 7.49
N PHE A 149 -3.47 -2.23 7.53
CA PHE A 149 -2.80 -1.19 8.31
C PHE A 149 -2.57 0.00 7.39
N LEU A 150 -3.25 1.11 7.68
CA LEU A 150 -3.29 2.21 6.72
C LEU A 150 -1.90 2.81 6.47
N ASN A 151 -1.12 3.00 7.54
CA ASN A 151 0.18 3.63 7.38
C ASN A 151 1.17 2.74 6.63
N ARG A 152 0.97 1.43 6.65
CA ARG A 152 1.91 0.50 6.02
C ARG A 152 1.49 0.07 4.62
N GLY A 153 0.23 0.25 4.25
CA GLY A 153 -0.26 -0.28 3.00
C GLY A 153 -0.08 -1.79 2.95
N GLU A 154 -0.47 -2.45 4.02
CA GLU A 154 -0.17 -3.87 4.26
C GLU A 154 -1.45 -4.58 4.64
N ASP A 155 -1.78 -5.64 3.91
CA ASP A 155 -3.05 -6.33 4.06
C ASP A 155 -2.85 -7.71 4.70
N TYR A 156 -3.87 -8.14 5.44
CA TYR A 156 -3.94 -9.48 6.00
C TYR A 156 -5.29 -10.08 5.62
N VAL A 157 -5.27 -11.18 4.88
CA VAL A 157 -6.49 -11.86 4.44
C VAL A 157 -6.68 -13.08 5.32
N MET A 158 -7.87 -13.22 5.88
CA MET A 158 -8.16 -14.28 6.83
C MET A 158 -9.57 -14.78 6.63
N THR A 159 -9.79 -16.06 6.90
CA THR A 159 -11.08 -16.70 6.89
C THR A 159 -11.47 -17.10 8.30
N MET A 160 -12.64 -17.70 8.43
CA MET A 160 -13.20 -18.08 9.72
C MET A 160 -13.50 -19.58 9.74
N PRO A 161 -13.59 -20.17 10.92
CA PRO A 161 -13.94 -21.59 11.02
C PRO A 161 -15.45 -21.77 10.84
N TYR A 162 -15.89 -23.01 11.01
CA TYR A 162 -17.30 -23.33 11.03
C TYR A 162 -17.66 -23.95 12.39
N ALA A 163 -18.91 -23.78 12.79
CA ALA A 163 -19.39 -24.24 14.08
C ALA A 163 -20.12 -25.57 13.90
N HIS A 164 -19.66 -26.61 14.60
CA HIS A 164 -20.28 -27.92 14.57
C HIS A 164 -21.08 -28.08 15.86
N CYS A 165 -22.38 -28.30 15.72
CA CYS A 165 -23.29 -28.41 16.85
C CYS A 165 -23.81 -29.84 16.93
N LYS A 166 -23.63 -30.47 18.08
CA LYS A 166 -24.15 -31.80 18.35
C LYS A 166 -25.06 -31.76 19.56
N GLY A 167 -26.03 -32.67 19.58
CA GLY A 167 -26.98 -32.76 20.68
C GLY A 167 -28.28 -32.02 20.49
N ILE A 168 -28.71 -31.78 19.25
CA ILE A 168 -29.98 -31.10 19.02
C ILE A 168 -31.13 -31.93 19.56
N LEU A 169 -31.27 -33.16 19.05
CA LEU A 169 -32.38 -34.02 19.46
C LEU A 169 -32.08 -34.74 20.76
N TYR A 170 -30.97 -35.49 20.79
CA TYR A 170 -30.58 -36.24 21.98
C TYR A 170 -29.08 -36.09 22.19
N GLY A 171 -28.64 -36.43 23.39
CA GLY A 171 -27.24 -36.30 23.76
C GLY A 171 -26.88 -34.91 24.26
N THR A 172 -25.65 -34.80 24.74
CA THR A 172 -25.20 -33.52 25.30
C THR A 172 -25.15 -32.46 24.22
N MET A 173 -25.67 -31.28 24.55
CA MET A 173 -25.74 -30.16 23.61
C MET A 173 -24.44 -29.38 23.66
N THR A 174 -23.71 -29.35 22.56
CA THR A 174 -22.38 -28.76 22.52
C THR A 174 -22.19 -27.97 21.23
N LEU A 175 -21.23 -27.06 21.27
CA LEU A 175 -20.82 -26.29 20.10
C LEU A 175 -19.29 -26.27 20.06
N GLU A 176 -18.73 -26.92 19.05
CA GLU A 176 -17.28 -26.98 18.84
C GLU A 176 -16.92 -26.23 17.58
N LEU A 177 -15.70 -25.71 17.54
CA LEU A 177 -15.16 -25.01 16.38
C LEU A 177 -14.18 -25.90 15.65
N GLY A 178 -14.30 -25.95 14.32
CA GLY A 178 -13.42 -26.76 13.50
C GLY A 178 -13.18 -26.10 12.16
N GLY A 179 -12.07 -26.46 11.55
CA GLY A 179 -11.69 -25.96 10.25
C GLY A 179 -10.24 -25.55 10.21
N THR A 180 -9.80 -25.17 9.01
CA THR A 180 -8.44 -24.70 8.76
C THR A 180 -8.51 -23.27 8.26
N VAL A 181 -8.01 -22.34 9.06
CA VAL A 181 -8.01 -20.92 8.72
C VAL A 181 -6.63 -20.53 8.20
N ASN A 182 -6.61 -19.64 7.20
CA ASN A 182 -5.37 -19.13 6.63
C ASN A 182 -5.33 -17.63 6.84
N ILE A 183 -4.35 -17.15 7.60
CA ILE A 183 -4.07 -15.72 7.75
C ILE A 183 -2.83 -15.42 6.92
N THR A 184 -3.01 -14.64 5.85
CA THR A 184 -1.98 -14.44 4.85
C THR A 184 -1.69 -12.95 4.68
N CYS A 185 -0.41 -12.60 4.71
CA CYS A 185 0.07 -11.25 4.41
C CYS A 185 1.08 -11.33 3.28
N GLN A 186 0.69 -10.87 2.09
CA GLN A 186 1.55 -10.96 0.92
C GLN A 186 2.63 -9.89 0.90
N LYS A 187 2.40 -8.75 1.57
CA LYS A 187 3.39 -7.67 1.55
C LYS A 187 4.69 -8.10 2.19
N THR A 188 4.63 -8.66 3.38
CA THR A 188 5.82 -9.10 4.09
C THR A 188 6.20 -10.54 3.77
N GLY A 189 5.28 -11.33 3.21
CA GLY A 189 5.51 -12.73 2.96
C GLY A 189 5.14 -13.66 4.11
N TYR A 190 4.81 -13.12 5.27
CA TYR A 190 4.46 -13.94 6.42
C TYR A 190 3.04 -14.48 6.27
N SER A 191 2.73 -15.50 7.07
CA SER A 191 1.40 -16.07 7.13
C SER A 191 1.37 -17.08 8.26
N ALA A 192 0.17 -17.33 8.78
CA ALA A 192 -0.06 -18.37 9.78
C ALA A 192 -1.28 -19.17 9.36
N ILE A 193 -1.16 -20.49 9.44
CA ILE A 193 -2.27 -21.41 9.15
C ILE A 193 -2.73 -22.02 10.46
N LEU A 194 -4.01 -21.86 10.77
CA LEU A 194 -4.60 -22.35 12.00
C LEU A 194 -5.55 -23.50 11.69
N GLU A 195 -5.64 -24.45 12.62
CA GLU A 195 -6.47 -25.64 12.45
C GLU A 195 -7.30 -25.87 13.71
N PHE A 196 -8.60 -25.64 13.60
CA PHE A 196 -9.52 -25.93 14.70
C PHE A 196 -9.90 -27.41 14.63
N LYS A 197 -9.72 -28.11 15.75
CA LYS A 197 -9.80 -29.56 15.78
C LYS A 197 -10.98 -29.98 16.66
N LEU A 198 -11.89 -30.76 16.08
CA LEU A 198 -13.08 -31.22 16.77
C LEU A 198 -12.76 -32.46 17.61
N LYS A 199 -13.55 -32.65 18.67
CA LYS A 199 -13.31 -33.77 19.56
C LYS A 199 -13.55 -35.08 18.81
N PRO A 200 -12.78 -36.13 19.09
CA PRO A 200 -13.00 -37.42 18.44
C PRO A 200 -14.10 -38.20 19.15
N PHE A 201 -14.41 -39.38 18.59
CA PHE A 201 -15.41 -40.25 19.21
C PHE A 201 -15.03 -40.58 20.64
N LEU A 202 -13.79 -41.02 20.86
CA LEU A 202 -13.35 -41.40 22.20
C LEU A 202 -13.43 -40.22 23.15
N GLY A 203 -12.89 -39.07 22.74
CA GLY A 203 -12.93 -37.88 23.56
C GLY A 203 -11.93 -37.93 24.70
N SER A 204 -11.75 -36.78 25.35
CA SER A 204 -10.87 -36.68 26.51
C SER A 204 -11.14 -35.35 27.19
N SER A 205 -10.63 -35.22 28.42
CA SER A 205 -10.79 -33.97 29.16
C SER A 205 -10.21 -32.80 28.39
N ASP A 206 -9.13 -33.02 27.63
CA ASP A 206 -8.63 -32.02 26.70
C ASP A 206 -8.55 -32.68 25.31
N CYS A 207 -9.70 -32.67 24.63
CA CYS A 207 -9.77 -32.89 23.19
C CYS A 207 -10.68 -31.89 22.51
N VAL A 208 -11.56 -31.22 23.24
CA VAL A 208 -12.52 -30.27 22.69
C VAL A 208 -11.89 -28.89 22.70
N ASN A 209 -12.22 -28.10 21.68
CA ASN A 209 -11.69 -26.75 21.53
C ASN A 209 -10.18 -26.73 21.33
N GLN A 210 -9.60 -27.86 20.90
CA GLN A 210 -8.17 -27.90 20.63
C GLN A 210 -7.86 -27.10 19.38
N ILE A 211 -6.86 -26.22 19.47
CA ILE A 211 -6.41 -25.40 18.36
C ILE A 211 -4.93 -25.66 18.15
N SER A 212 -4.54 -25.80 16.88
CA SER A 212 -3.13 -25.98 16.52
C SER A 212 -2.86 -25.23 15.23
N GLY A 213 -1.67 -24.64 15.13
CA GLY A 213 -1.30 -23.87 13.96
C GLY A 213 0.20 -23.68 13.88
N LYS A 214 0.61 -22.97 12.83
CA LYS A 214 2.02 -22.72 12.60
C LYS A 214 2.21 -21.37 11.91
N LEU A 215 3.11 -20.57 12.46
CA LEU A 215 3.48 -19.28 11.84
C LEU A 215 4.63 -19.59 10.88
N LYS A 216 4.62 -19.00 9.70
CA LYS A 216 5.62 -19.31 8.69
C LYS A 216 5.86 -18.10 7.79
N LEU A 217 7.07 -18.03 7.25
CA LEU A 217 7.47 -17.00 6.29
C LEU A 217 7.77 -17.68 4.97
N GLY A 218 7.13 -17.21 3.90
CA GLY A 218 7.21 -17.92 2.64
C GLY A 218 6.62 -19.31 2.83
N LYS A 219 7.48 -20.32 2.78
CA LYS A 219 7.08 -21.68 3.15
C LYS A 219 7.76 -22.18 4.41
N GLU A 220 8.88 -21.57 4.81
CA GLU A 220 9.59 -21.99 6.02
C GLU A 220 8.74 -21.73 7.26
N VAL A 221 8.58 -22.75 8.09
CA VAL A 221 7.84 -22.61 9.34
C VAL A 221 8.78 -22.01 10.39
N LEU A 222 8.45 -20.81 10.87
CA LEU A 222 9.24 -20.18 11.91
C LEU A 222 8.92 -20.75 13.29
N ALA A 223 7.65 -20.69 13.69
CA ALA A 223 7.19 -21.17 14.98
C ALA A 223 5.90 -21.96 14.78
N THR A 224 5.43 -22.58 15.87
CA THR A 224 4.24 -23.41 15.85
C THR A 224 3.40 -23.14 17.10
N LEU A 225 2.09 -23.34 16.97
CA LEU A 225 1.14 -23.05 18.03
C LEU A 225 0.41 -24.32 18.46
N GLU A 226 0.18 -24.45 19.77
CA GLU A 226 -0.60 -25.55 20.34
C GLU A 226 -1.41 -25.01 21.51
N GLY A 227 -2.60 -25.58 21.70
CA GLY A 227 -3.41 -25.24 22.85
C GLY A 227 -4.89 -25.35 22.53
N HIS A 228 -5.69 -24.65 23.34
CA HIS A 228 -7.13 -24.56 23.15
C HIS A 228 -7.51 -23.09 22.95
N TRP A 229 -8.45 -22.83 22.05
CA TRP A 229 -8.76 -21.46 21.68
C TRP A 229 -9.60 -20.73 22.73
N ASP A 230 -10.14 -21.42 23.73
CA ASP A 230 -10.77 -20.79 24.87
C ASP A 230 -9.85 -20.72 26.08
N SER A 231 -8.60 -21.13 25.93
CA SER A 231 -7.67 -21.28 27.04
C SER A 231 -6.27 -20.99 26.53
N GLU A 232 -5.26 -21.40 27.31
CA GLU A 232 -3.86 -21.14 26.95
C GLU A 232 -3.54 -21.68 25.55
N VAL A 233 -2.79 -20.88 24.80
CA VAL A 233 -2.20 -21.29 23.53
C VAL A 233 -0.70 -21.06 23.63
N PHE A 234 0.07 -22.06 23.25
CA PHE A 234 1.51 -22.05 23.43
C PHE A 234 2.23 -22.02 22.08
N ILE A 235 3.29 -21.21 22.02
CA ILE A 235 4.12 -21.08 20.82
C ILE A 235 5.51 -21.60 21.16
N THR A 236 6.10 -22.32 20.20
CA THR A 236 7.49 -22.83 20.36
C THR A 236 8.27 -22.46 19.10
N ASP A 237 9.45 -21.86 19.26
CA ASP A 237 10.27 -21.48 18.12
C ASP A 237 10.90 -22.72 17.49
N LYS A 238 10.81 -22.83 16.17
CA LYS A 238 11.41 -23.94 15.46
C LYS A 238 12.93 -23.82 15.32
N LYS A 239 13.52 -22.78 15.90
CA LYS A 239 14.97 -22.63 15.95
C LYS A 239 15.53 -22.81 17.35
N THR A 240 14.77 -22.45 18.39
CA THR A 240 15.16 -22.68 19.77
C THR A 240 14.41 -23.83 20.42
N ASP A 241 13.34 -24.32 19.80
CA ASP A 241 12.47 -25.32 20.40
C ASP A 241 12.20 -24.99 21.85
N ASN A 242 11.95 -23.71 22.13
CA ASN A 242 11.61 -23.24 23.47
C ASN A 242 10.15 -22.77 23.46
N SER A 243 9.38 -23.27 24.41
CA SER A 243 7.94 -23.00 24.45
C SER A 243 7.64 -21.74 25.24
N GLU A 244 6.54 -21.09 24.89
CA GLU A 244 6.10 -19.86 25.53
C GLU A 244 4.59 -19.73 25.37
N VAL A 245 3.99 -18.93 26.24
CA VAL A 245 2.54 -18.70 26.20
C VAL A 245 2.26 -17.65 25.12
N PHE A 246 1.65 -18.09 24.02
CA PHE A 246 1.35 -17.19 22.92
C PHE A 246 0.12 -16.32 23.22
N TRP A 247 -0.91 -16.92 23.82
CA TRP A 247 -2.12 -16.18 24.16
C TRP A 247 -2.92 -17.00 25.17
N ASN A 248 -3.44 -16.30 26.19
CA ASN A 248 -4.33 -16.93 27.16
C ASN A 248 -5.29 -15.83 27.64
N PRO A 249 -6.60 -16.08 27.63
CA PRO A 249 -7.53 -15.05 28.11
C PRO A 249 -7.53 -14.93 29.62
N THR A 250 -6.50 -14.25 30.15
CA THR A 250 -6.39 -14.04 31.58
C THR A 250 -7.60 -13.24 32.08
N PRO A 251 -8.04 -13.48 33.32
CA PRO A 251 -9.12 -12.64 33.86
C PRO A 251 -8.77 -11.16 33.86
N ASP A 252 -7.48 -10.82 34.00
CA ASP A 252 -7.07 -9.43 33.84
C ASP A 252 -7.28 -8.96 32.40
N ILE A 253 -6.96 -9.82 31.42
CA ILE A 253 -7.24 -9.48 30.03
C ILE A 253 -8.74 -9.38 29.80
N LYS A 254 -9.52 -10.31 30.36
CA LYS A 254 -10.96 -10.24 30.25
C LYS A 254 -11.50 -9.00 30.95
N GLN A 255 -10.92 -8.64 32.09
CA GLN A 255 -11.40 -7.48 32.83
C GLN A 255 -11.36 -6.22 31.97
N TRP A 256 -10.42 -6.13 31.04
CA TRP A 256 -10.30 -4.98 30.15
C TRP A 256 -10.63 -5.43 28.74
N ARG A 257 -11.92 -5.42 28.40
CA ARG A 257 -12.39 -5.52 27.03
C ARG A 257 -12.99 -4.17 26.66
N LEU A 258 -12.59 -3.63 25.52
CA LEU A 258 -13.05 -2.31 25.13
C LEU A 258 -14.57 -2.21 25.30
N ILE A 259 -14.99 -1.08 25.87
CA ILE A 259 -16.44 -0.86 26.13
C ILE A 259 -17.14 -0.54 24.82
N ARG A 260 -18.16 -1.33 24.52
CA ARG A 260 -18.90 -1.12 23.29
C ARG A 260 -20.09 -0.21 23.55
N HIS A 261 -20.36 0.68 22.60
CA HIS A 261 -21.47 1.63 22.69
C HIS A 261 -22.36 1.45 21.48
N THR A 262 -23.64 1.17 21.72
CA THR A 262 -24.64 1.03 20.68
C THR A 262 -25.44 2.31 20.55
N VAL A 263 -26.25 2.37 19.50
CA VAL A 263 -26.97 3.58 19.18
C VAL A 263 -28.18 3.71 20.09
N LYS A 264 -28.52 4.95 20.45
CA LYS A 264 -29.69 5.20 21.28
C LYS A 264 -30.93 4.64 20.60
N PHE A 265 -31.73 3.89 21.37
CA PHE A 265 -32.83 3.14 20.78
C PHE A 265 -33.80 4.07 20.06
N GLU A 266 -34.04 5.26 20.61
CA GLU A 266 -34.94 6.21 19.98
C GLU A 266 -34.35 6.79 18.70
N GLU A 267 -33.02 6.78 18.56
CA GLU A 267 -32.35 7.31 17.38
C GLU A 267 -32.10 6.25 16.32
N GLN A 268 -32.50 5.00 16.56
CA GLN A 268 -32.22 3.92 15.62
C GLN A 268 -33.29 3.86 14.54
N GLY A 269 -32.86 3.59 13.31
CA GLY A 269 -33.80 3.29 12.25
C GLY A 269 -34.62 2.06 12.57
N ASP A 270 -35.75 1.94 11.87
CA ASP A 270 -36.67 0.84 12.14
C ASP A 270 -36.11 -0.50 11.74
N PHE A 271 -35.17 -0.53 10.78
CA PHE A 271 -34.59 -1.78 10.31
C PHE A 271 -33.22 -2.06 10.91
N GLU A 272 -32.80 -1.28 11.90
CA GLU A 272 -31.61 -1.62 12.64
C GLU A 272 -31.88 -2.87 13.48
N SER A 273 -30.81 -3.49 13.96
CA SER A 273 -30.96 -4.83 14.53
C SER A 273 -31.75 -4.80 15.83
N GLU A 274 -31.41 -3.87 16.72
CA GLU A 274 -32.04 -3.82 18.03
C GLU A 274 -33.53 -3.49 17.90
N LYS A 275 -33.85 -2.42 17.17
CA LYS A 275 -35.25 -2.02 17.02
C LYS A 275 -36.05 -3.08 16.26
N LEU A 276 -35.44 -3.67 15.21
CA LEU A 276 -36.18 -4.59 14.35
C LEU A 276 -36.60 -5.84 15.11
N TRP A 277 -35.71 -6.40 15.94
CA TRP A 277 -35.94 -7.66 16.61
C TRP A 277 -36.42 -7.49 18.05
N GLN A 278 -36.83 -6.29 18.45
CA GLN A 278 -37.15 -6.05 19.85
C GLN A 278 -38.18 -7.04 20.37
N ARG A 279 -39.27 -7.22 19.63
CA ARG A 279 -40.35 -8.09 20.11
C ARG A 279 -39.92 -9.56 20.11
N VAL A 280 -39.14 -9.96 19.09
CA VAL A 280 -38.60 -11.32 19.08
C VAL A 280 -37.67 -11.51 20.27
N THR A 281 -36.81 -10.51 20.53
CA THR A 281 -35.88 -10.61 21.65
C THR A 281 -36.61 -10.68 22.98
N ARG A 282 -37.62 -9.82 23.17
CA ARG A 282 -38.34 -9.80 24.44
C ARG A 282 -38.99 -11.15 24.73
N ALA A 283 -39.54 -11.79 23.70
CA ALA A 283 -40.16 -13.10 23.89
C ALA A 283 -39.13 -14.12 24.36
N ILE A 284 -37.95 -14.12 23.75
CA ILE A 284 -36.90 -15.07 24.15
C ILE A 284 -36.48 -14.81 25.59
N ASN A 285 -36.23 -13.54 25.92
CA ASN A 285 -35.82 -13.22 27.29
C ASN A 285 -36.92 -13.52 28.29
N ALA A 286 -38.18 -13.44 27.88
CA ALA A 286 -39.30 -13.79 28.74
C ALA A 286 -39.56 -15.29 28.80
N LYS A 287 -38.78 -16.08 28.08
CA LYS A 287 -38.90 -17.54 28.01
C LYS A 287 -40.18 -17.99 27.31
N ASP A 288 -40.91 -17.08 26.68
CA ASP A 288 -42.10 -17.44 25.90
C ASP A 288 -41.63 -17.96 24.56
N GLN A 289 -41.64 -19.29 24.39
CA GLN A 289 -41.16 -19.90 23.15
C GLN A 289 -42.13 -19.73 22.00
N THR A 290 -43.44 -19.84 22.28
CA THR A 290 -44.42 -19.79 21.20
C THR A 290 -44.50 -18.40 20.58
N GLU A 291 -44.44 -17.35 21.41
CA GLU A 291 -44.52 -16.00 20.89
C GLU A 291 -43.20 -15.51 20.30
N ALA A 292 -42.10 -16.21 20.58
CA ALA A 292 -40.84 -15.88 19.94
C ALA A 292 -40.84 -16.32 18.48
N THR A 293 -41.43 -17.49 18.20
CA THR A 293 -41.52 -17.95 16.82
C THR A 293 -42.53 -17.10 16.03
N GLN A 294 -43.66 -16.76 16.65
CA GLN A 294 -44.66 -15.95 15.97
C GLN A 294 -44.11 -14.59 15.58
N GLU A 295 -43.43 -13.93 16.53
CA GLU A 295 -42.84 -12.63 16.22
C GLU A 295 -41.79 -12.73 15.13
N LYS A 296 -41.09 -13.87 15.06
CA LYS A 296 -40.13 -14.06 13.96
C LYS A 296 -40.91 -14.18 12.64
N TYR A 297 -41.99 -14.96 12.66
CA TYR A 297 -42.77 -15.13 11.43
C TYR A 297 -43.36 -13.80 10.95
N VAL A 298 -43.62 -12.87 11.86
CA VAL A 298 -44.10 -11.56 11.45
C VAL A 298 -43.05 -10.87 10.58
N LEU A 299 -41.80 -10.93 11.03
CA LEU A 299 -40.71 -10.24 10.30
C LEU A 299 -40.43 -10.96 8.98
N GLU A 300 -40.33 -12.28 9.01
CA GLU A 300 -40.07 -13.04 7.79
C GLU A 300 -41.22 -12.91 6.79
N GLU A 301 -42.46 -12.96 7.29
CA GLU A 301 -43.62 -12.82 6.40
C GLU A 301 -43.62 -11.44 5.76
N ALA A 302 -43.22 -10.41 6.50
CA ALA A 302 -43.07 -9.09 5.90
C ALA A 302 -41.97 -9.08 4.86
N GLN A 303 -40.86 -9.78 5.13
CA GLN A 303 -39.77 -9.85 4.17
C GLN A 303 -40.22 -10.55 2.89
N ARG A 304 -40.93 -11.67 3.02
CA ARG A 304 -41.47 -12.34 1.84
C ARG A 304 -42.47 -11.45 1.11
N GLN A 305 -43.26 -10.69 1.87
CA GLN A 305 -44.23 -9.79 1.23
C GLN A 305 -43.54 -8.58 0.63
N ALA A 306 -42.48 -8.09 1.28
CA ALA A 306 -41.71 -7.00 0.69
C ALA A 306 -40.92 -7.48 -0.51
N ALA A 307 -40.56 -8.76 -0.55
CA ALA A 307 -39.92 -9.32 -1.75
C ALA A 307 -40.93 -9.44 -2.90
N ARG A 308 -42.16 -9.84 -2.59
CA ARG A 308 -43.20 -9.87 -3.61
C ARG A 308 -43.48 -8.47 -4.14
N ASP A 309 -43.73 -7.52 -3.23
CA ASP A 309 -43.99 -6.15 -3.64
C ASP A 309 -42.88 -5.60 -4.52
N ARG A 310 -41.65 -6.05 -4.30
CA ARG A 310 -40.52 -5.56 -5.10
C ARG A 310 -40.61 -6.09 -6.53
N LYS A 311 -40.88 -7.38 -6.68
CA LYS A 311 -40.97 -7.96 -8.02
C LYS A 311 -42.20 -7.47 -8.79
N THR A 312 -43.19 -6.91 -8.09
CA THR A 312 -44.43 -6.52 -8.75
C THR A 312 -44.20 -5.42 -9.77
N LYS A 313 -43.55 -4.33 -9.36
CA LYS A 313 -43.33 -3.18 -10.23
C LYS A 313 -41.87 -3.01 -10.63
N ASN A 314 -40.97 -2.95 -9.66
CA ASN A 314 -39.55 -2.80 -9.96
C ASN A 314 -38.75 -3.59 -8.92
N GLU A 315 -38.09 -4.65 -9.37
CA GLU A 315 -37.29 -5.49 -8.48
C GLU A 315 -35.84 -5.01 -8.53
N GLU A 316 -35.58 -3.94 -7.79
CA GLU A 316 -34.24 -3.37 -7.68
C GLU A 316 -34.04 -2.94 -6.23
N TRP A 317 -33.23 -3.69 -5.49
CA TRP A 317 -32.97 -3.41 -4.08
C TRP A 317 -31.61 -2.72 -3.96
N SER A 318 -31.63 -1.47 -3.50
CA SER A 318 -30.42 -0.68 -3.31
C SER A 318 -29.94 -0.85 -1.88
N CYS A 319 -28.78 -1.50 -1.72
CA CYS A 319 -28.13 -1.56 -0.40
C CYS A 319 -27.63 -0.17 -0.03
N LYS A 320 -28.08 0.34 1.12
CA LYS A 320 -27.83 1.74 1.46
C LYS A 320 -26.36 2.01 1.71
N LEU A 321 -25.67 1.11 2.42
CA LEU A 321 -24.32 1.38 2.89
C LEU A 321 -23.25 0.52 2.20
N PHE A 322 -23.63 -0.42 1.35
CA PHE A 322 -22.69 -1.28 0.65
C PHE A 322 -23.08 -1.39 -0.81
N GLU A 323 -22.10 -1.71 -1.64
CA GLU A 323 -22.33 -1.86 -3.07
C GLU A 323 -21.41 -2.96 -3.61
N LEU A 324 -21.92 -3.72 -4.56
CA LEU A 324 -21.20 -4.88 -5.10
C LEU A 324 -20.33 -4.45 -6.26
N ASP A 325 -19.03 -4.73 -6.16
CA ASP A 325 -18.13 -4.49 -7.28
C ASP A 325 -18.34 -5.59 -8.33
N PRO A 326 -18.79 -5.25 -9.54
CA PRO A 326 -19.03 -6.31 -10.53
C PRO A 326 -17.77 -7.05 -10.94
N LEU A 327 -16.66 -6.34 -11.09
CA LEU A 327 -15.43 -6.96 -11.58
C LEU A 327 -14.94 -8.03 -10.61
N THR A 328 -14.79 -7.68 -9.34
CA THR A 328 -14.26 -8.60 -8.34
C THR A 328 -15.33 -9.51 -7.73
N GLY A 329 -16.58 -9.04 -7.70
CA GLY A 329 -17.63 -9.78 -7.02
C GLY A 329 -17.66 -9.58 -5.51
N GLU A 330 -16.78 -8.75 -4.97
CA GLU A 330 -16.72 -8.49 -3.54
C GLU A 330 -17.58 -7.29 -3.18
N TRP A 331 -18.05 -7.28 -1.94
CA TRP A 331 -18.87 -6.19 -1.42
C TRP A 331 -17.99 -5.13 -0.78
N HIS A 332 -18.22 -3.87 -1.15
CA HIS A 332 -17.41 -2.75 -0.70
C HIS A 332 -18.27 -1.73 0.02
N TYR A 333 -17.80 -1.27 1.17
CA TYR A 333 -18.50 -0.23 1.92
C TYR A 333 -18.47 1.08 1.14
N LYS A 334 -19.66 1.66 0.93
CA LYS A 334 -19.76 2.82 0.05
C LYS A 334 -18.86 3.97 0.49
N PHE A 335 -18.65 4.13 1.79
CA PHE A 335 -17.96 5.29 2.34
C PHE A 335 -16.60 4.93 2.94
N ALA A 336 -15.99 3.85 2.46
CA ALA A 336 -14.69 3.43 2.98
C ALA A 336 -13.66 4.52 2.78
N ASP A 337 -12.80 4.70 3.79
CA ASP A 337 -11.71 5.66 3.74
C ASP A 337 -10.47 4.99 4.30
N THR A 338 -9.41 4.88 3.50
CA THR A 338 -8.15 4.20 3.92
C THR A 338 -6.97 5.18 4.02
N ARG A 339 -7.23 6.48 3.92
CA ARG A 339 -6.13 7.44 4.00
C ARG A 339 -5.51 7.40 5.40
N PRO A 340 -4.19 7.36 5.53
CA PRO A 340 -3.59 7.33 6.87
C PRO A 340 -3.91 8.59 7.66
N TRP A 341 -3.92 8.45 8.97
CA TRP A 341 -4.24 9.57 9.85
C TRP A 341 -3.18 10.66 9.74
N ASP A 342 -3.64 11.89 9.52
CA ASP A 342 -2.77 13.05 9.44
C ASP A 342 -3.04 13.96 10.63
N PRO A 343 -2.15 14.02 11.63
CA PRO A 343 -2.48 14.82 12.82
C PRO A 343 -2.72 16.28 12.53
N LEU A 344 -2.04 16.84 11.53
CA LEU A 344 -2.21 18.25 11.20
C LEU A 344 -3.52 18.51 10.48
N ASN A 345 -4.15 17.49 9.92
CA ASN A 345 -5.41 17.64 9.21
C ASN A 345 -6.58 16.95 9.90
N ASP A 346 -6.45 15.66 10.19
CA ASP A 346 -7.54 14.92 10.80
C ASP A 346 -7.74 15.35 12.25
N MET A 347 -8.99 15.45 12.65
CA MET A 347 -9.29 15.91 14.02
C MET A 347 -10.03 14.81 14.77
N ILE A 348 -11.18 14.39 14.25
CA ILE A 348 -11.99 13.41 14.97
C ILE A 348 -12.67 12.51 13.94
N GLN A 349 -12.53 11.20 14.12
CA GLN A 349 -13.30 10.24 13.35
C GLN A 349 -14.61 9.95 14.08
N PHE A 350 -15.73 10.00 13.36
CA PHE A 350 -17.04 9.80 13.95
C PHE A 350 -17.92 9.08 12.95
N GLU A 351 -19.13 8.75 13.39
CA GLU A 351 -20.10 8.06 12.53
C GLU A 351 -21.48 8.73 12.67
N LYS A 352 -22.19 8.85 11.56
CA LYS A 352 -23.53 9.44 11.55
C LYS A 352 -24.40 8.66 10.57
N ASP A 353 -25.46 8.04 11.09
CA ASP A 353 -26.42 7.31 10.26
C ASP A 353 -25.73 6.24 9.40
N GLY A 354 -24.82 5.49 10.01
CA GLY A 354 -24.12 4.44 9.32
C GLY A 354 -22.95 4.88 8.47
N VAL A 355 -22.69 6.18 8.39
CA VAL A 355 -21.61 6.73 7.57
C VAL A 355 -20.46 7.10 8.50
N ILE A 356 -19.33 6.42 8.35
CA ILE A 356 -18.15 6.67 9.18
C ILE A 356 -17.34 7.78 8.52
N GLN A 357 -17.08 8.84 9.27
CA GLN A 357 -16.52 10.07 8.74
C GLN A 357 -15.36 10.53 9.61
N THR A 358 -14.67 11.58 9.15
CA THR A 358 -13.60 12.21 9.90
C THR A 358 -13.64 13.71 9.67
N LYS A 359 -13.62 14.49 10.75
CA LYS A 359 -13.60 15.94 10.64
C LYS A 359 -12.16 16.40 10.41
N VAL A 360 -11.95 17.12 9.32
CA VAL A 360 -10.63 17.56 8.86
C VAL A 360 -10.68 19.05 8.61
N LYS A 361 -9.56 19.72 8.84
CA LYS A 361 -9.47 21.15 8.59
C LYS A 361 -8.91 21.46 7.20
N HIS A 362 -8.93 20.47 6.30
CA HIS A 362 -8.63 20.67 4.89
C HIS A 362 -9.26 19.51 4.13
N ARG A 363 -10.17 19.81 3.21
CA ARG A 363 -10.70 18.77 2.34
C ARG A 363 -9.61 18.21 1.44
N THR A 364 -9.59 16.89 1.30
CA THR A 364 -8.59 16.22 0.47
C THR A 364 -9.26 15.28 -0.53
N LEU B 20 27.96 19.18 -27.07
CA LEU B 20 27.92 17.73 -26.92
C LEU B 20 28.73 17.28 -25.70
N GLU B 21 28.05 16.55 -24.81
CA GLU B 21 28.68 16.04 -23.60
C GLU B 21 29.07 14.58 -23.77
N PRO B 22 30.27 14.13 -23.31
CA PRO B 22 30.68 12.74 -23.45
C PRO B 22 30.08 11.77 -22.43
N ARG B 23 28.77 11.83 -22.24
CA ARG B 23 28.07 10.94 -21.32
C ARG B 23 26.73 10.56 -21.94
N SER B 24 26.39 9.27 -21.86
CA SER B 24 25.12 8.81 -22.40
C SER B 24 23.96 9.36 -21.58
N PHE B 25 22.80 9.46 -22.23
CA PHE B 25 21.60 9.92 -21.52
C PHE B 25 21.32 9.05 -20.32
N LEU B 26 21.47 7.73 -20.47
CA LEU B 26 21.26 6.84 -19.33
C LEU B 26 22.19 7.16 -18.18
N ASP B 27 23.40 7.62 -18.48
CA ASP B 27 24.31 8.06 -17.42
C ASP B 27 23.84 9.38 -16.81
N LYS B 28 23.49 10.36 -17.65
CA LYS B 28 23.04 11.65 -17.15
C LYS B 28 21.72 11.54 -16.39
N LEU B 29 20.92 10.52 -16.71
CA LEU B 29 19.65 10.32 -16.03
C LEU B 29 19.81 9.81 -14.60
N SER B 30 20.99 9.33 -14.23
CA SER B 30 21.26 8.86 -12.88
C SER B 30 21.76 9.96 -11.95
N ASP B 31 21.95 11.18 -12.46
CA ASP B 31 22.46 12.27 -11.64
C ASP B 31 21.47 12.67 -10.54
N TYR B 32 20.19 12.33 -10.69
CA TYR B 32 19.17 12.76 -9.73
C TYR B 32 19.26 12.02 -8.40
N TYR B 33 20.13 11.03 -8.28
CA TYR B 33 20.20 10.20 -7.09
C TYR B 33 21.53 10.31 -6.37
N TYR B 34 22.27 11.40 -6.59
CA TYR B 34 23.54 11.60 -5.88
C TYR B 34 23.31 11.91 -4.41
N HIS B 35 22.15 12.49 -4.07
CA HIS B 35 21.73 12.63 -2.68
C HIS B 35 20.57 11.66 -2.45
N ALA B 36 20.91 10.41 -2.14
CA ALA B 36 19.90 9.42 -1.77
C ALA B 36 19.75 9.28 -0.27
N ASP B 37 20.71 9.79 0.50
CA ASP B 37 20.51 9.89 1.94
C ASP B 37 19.30 10.76 2.26
N PHE B 38 18.95 11.68 1.36
CA PHE B 38 17.76 12.50 1.59
C PHE B 38 16.50 11.66 1.54
N LEU B 39 16.44 10.69 0.62
CA LEU B 39 15.28 9.81 0.55
C LEU B 39 15.25 8.84 1.73
N SER B 40 16.41 8.42 2.23
CA SER B 40 16.44 7.60 3.43
C SER B 40 15.85 8.37 4.62
N GLU B 41 16.18 9.65 4.73
CA GLU B 41 15.53 10.49 5.73
C GLU B 41 14.03 10.57 5.51
N ALA B 42 13.61 10.72 4.25
CA ALA B 42 12.20 10.92 3.95
C ALA B 42 11.37 9.70 4.36
N ALA B 43 11.88 8.50 4.12
CA ALA B 43 11.15 7.31 4.52
C ALA B 43 10.90 7.31 6.03
N LEU B 44 11.86 7.79 6.81
CA LEU B 44 11.76 7.72 8.27
C LEU B 44 10.88 8.83 8.84
N GLU B 45 10.78 9.97 8.15
CA GLU B 45 9.93 11.05 8.64
C GLU B 45 8.49 10.58 8.77
N GLU B 46 7.95 10.65 9.99
CA GLU B 46 6.58 10.20 10.23
C GLU B 46 5.54 11.25 9.89
N ASN B 47 5.93 12.52 9.82
CA ASN B 47 4.98 13.60 9.56
C ASN B 47 4.67 13.64 8.07
N PRO B 48 3.40 13.50 7.65
CA PRO B 48 3.11 13.48 6.21
C PRO B 48 3.55 14.74 5.49
N TYR B 49 3.35 15.90 6.11
CA TYR B 49 3.72 17.16 5.46
C TYR B 49 5.22 17.26 5.27
N PHE B 50 6.00 16.81 6.26
CA PHE B 50 7.45 16.92 6.17
C PHE B 50 8.03 15.92 5.16
N ARG B 51 7.36 14.79 4.94
CA ARG B 51 7.82 13.87 3.92
C ARG B 51 7.76 14.52 2.54
N LEU B 52 6.68 15.22 2.22
CA LEU B 52 6.69 15.98 0.95
C LEU B 52 7.87 16.95 0.99
N LYS B 53 8.01 17.75 2.05
CA LYS B 53 9.09 18.75 2.05
C LYS B 53 10.45 18.09 1.85
N LYS B 54 10.67 16.94 2.49
CA LYS B 54 11.96 16.26 2.34
C LYS B 54 12.10 15.63 0.97
N VAL B 55 10.99 15.19 0.35
CA VAL B 55 11.04 14.68 -1.01
C VAL B 55 11.34 15.79 -1.99
N VAL B 56 10.63 16.93 -1.86
CA VAL B 56 10.87 18.06 -2.75
C VAL B 56 12.30 18.57 -2.60
N LYS B 57 12.77 18.67 -1.36
CA LYS B 57 14.15 19.07 -1.12
C LYS B 57 15.12 18.17 -1.89
N TRP B 58 14.85 16.86 -1.90
CA TRP B 58 15.67 15.96 -2.69
C TRP B 58 15.51 16.20 -4.19
N TYR B 59 14.27 16.39 -4.64
CA TYR B 59 14.04 16.58 -6.07
C TYR B 59 14.86 17.75 -6.61
N LEU B 60 14.94 18.84 -5.84
CA LEU B 60 15.74 19.99 -6.26
C LEU B 60 17.24 19.67 -6.17
N SER B 61 17.62 18.77 -5.27
CA SER B 61 19.03 18.52 -5.01
C SER B 61 19.75 17.89 -6.18
N GLY B 62 19.03 17.42 -7.20
CA GLY B 62 19.63 16.72 -8.32
C GLY B 62 19.92 17.55 -9.53
N PHE B 63 19.63 18.86 -9.51
CA PHE B 63 19.78 19.71 -10.68
C PHE B 63 20.96 20.67 -10.61
N TYR B 64 21.70 20.73 -9.51
CA TYR B 64 22.77 21.74 -9.31
C TYR B 64 24.11 21.30 -9.93
N LYS B 65 24.13 20.66 -11.10
CA LYS B 65 25.38 20.34 -11.79
C LYS B 65 25.26 20.59 -13.28
N LYS B 66 24.64 21.71 -13.68
CA LYS B 66 24.36 21.97 -15.08
C LYS B 66 25.35 22.98 -15.64
N PRO B 67 26.30 22.57 -16.50
CA PRO B 67 27.22 23.56 -17.09
C PRO B 67 26.45 24.63 -17.87
N LYS B 68 26.92 25.86 -17.77
CA LYS B 68 26.27 26.95 -18.49
C LYS B 68 26.25 26.68 -19.99
N GLY B 69 27.33 26.09 -20.51
CA GLY B 69 27.36 25.75 -21.92
C GLY B 69 26.37 24.65 -22.28
N LEU B 70 26.04 24.60 -23.57
CA LEU B 70 25.09 23.61 -24.08
C LEU B 70 25.75 22.24 -24.06
N LYS B 71 25.36 21.40 -23.10
CA LYS B 71 25.83 20.03 -23.00
C LYS B 71 24.71 19.10 -23.45
N LYS B 72 24.94 18.39 -24.55
CA LYS B 72 23.94 17.48 -25.10
C LYS B 72 24.37 16.03 -24.87
N PRO B 73 23.72 15.29 -23.98
CA PRO B 73 24.06 13.87 -23.80
C PRO B 73 23.78 13.07 -25.06
N TYR B 74 24.51 11.95 -25.20
CA TYR B 74 24.29 11.06 -26.32
C TYR B 74 22.86 10.55 -26.34
N ASN B 75 22.24 10.56 -27.51
CA ASN B 75 20.97 9.87 -27.68
C ASN B 75 21.23 8.37 -27.64
N PRO B 76 20.82 7.66 -26.60
CA PRO B 76 21.31 6.29 -26.41
C PRO B 76 20.80 5.35 -27.50
N ILE B 77 21.59 4.28 -27.72
CA ILE B 77 21.26 3.29 -28.73
C ILE B 77 20.27 2.28 -28.15
N LEU B 78 19.46 1.71 -29.02
CA LEU B 78 18.51 0.69 -28.59
C LEU B 78 19.26 -0.48 -27.96
N GLY B 79 18.77 -0.93 -26.80
CA GLY B 79 19.42 -2.00 -26.07
C GLY B 79 20.59 -1.56 -25.20
N GLU B 80 20.96 -0.28 -25.24
CA GLU B 80 22.01 0.22 -24.37
C GLU B 80 21.54 0.18 -22.92
N THR B 81 22.45 -0.21 -22.01
CA THR B 81 22.10 -0.39 -20.59
C THR B 81 23.17 0.24 -19.71
N PHE B 82 22.78 1.10 -18.77
CA PHE B 82 23.70 1.74 -17.84
C PHE B 82 23.45 1.20 -16.44
N ARG B 83 24.53 0.89 -15.73
CA ARG B 83 24.49 0.44 -14.35
C ARG B 83 25.39 1.33 -13.50
N CYS B 84 24.97 1.57 -12.27
CA CYS B 84 25.79 2.32 -11.32
C CYS B 84 25.20 2.14 -9.93
N LEU B 85 25.93 2.64 -8.94
CA LEU B 85 25.66 2.32 -7.54
C LEU B 85 26.12 3.47 -6.68
N TRP B 86 25.49 3.63 -5.51
CA TRP B 86 25.84 4.66 -4.55
C TRP B 86 25.96 4.05 -3.16
N ILE B 87 26.82 4.67 -2.35
CA ILE B 87 27.11 4.18 -1.00
C ILE B 87 26.50 5.14 0.01
N HIS B 88 25.92 4.59 1.07
CA HIS B 88 25.29 5.35 2.15
C HIS B 88 26.07 5.10 3.44
N PRO B 89 27.08 5.93 3.74
CA PRO B 89 27.88 5.67 4.95
C PRO B 89 27.08 5.65 6.24
N ARG B 90 26.17 6.61 6.43
CA ARG B 90 25.50 6.74 7.72
C ARG B 90 24.69 5.50 8.05
N THR B 91 23.83 5.08 7.13
CA THR B 91 23.08 3.82 7.23
C THR B 91 23.62 2.93 6.12
N ASN B 92 24.50 1.99 6.47
CA ASN B 92 25.26 1.31 5.44
C ASN B 92 24.30 0.54 4.52
N SER B 93 24.21 1.02 3.29
CA SER B 93 23.31 0.46 2.29
C SER B 93 23.75 1.03 0.94
N LYS B 94 23.04 0.64 -0.11
CA LYS B 94 23.40 1.07 -1.46
C LYS B 94 22.14 1.37 -2.25
N THR B 95 22.24 2.38 -3.12
CA THR B 95 21.18 2.74 -4.04
C THR B 95 21.59 2.26 -5.43
N PHE B 96 20.86 1.28 -5.95
CA PHE B 96 21.18 0.67 -7.24
C PHE B 96 20.33 1.32 -8.33
N TYR B 97 20.95 1.57 -9.47
CA TYR B 97 20.31 2.22 -10.61
C TYR B 97 20.55 1.38 -11.85
N ILE B 98 19.47 1.12 -12.59
CA ILE B 98 19.54 0.37 -13.84
C ILE B 98 18.66 1.06 -14.87
N ALA B 99 19.22 1.34 -16.03
CA ALA B 99 18.49 1.99 -17.11
C ALA B 99 18.78 1.28 -18.41
N GLU B 100 17.77 1.23 -19.28
CA GLU B 100 17.90 0.60 -20.58
C GLU B 100 17.14 1.43 -21.61
N GLN B 101 17.69 1.52 -22.81
CA GLN B 101 16.98 2.13 -23.93
C GLN B 101 16.03 1.08 -24.51
N VAL B 102 14.73 1.37 -24.46
CA VAL B 102 13.72 0.41 -24.89
C VAL B 102 13.19 0.69 -26.29
N SER B 103 13.36 1.91 -26.80
CA SER B 103 12.90 2.25 -28.14
C SER B 103 13.73 3.41 -28.66
N HIS B 104 14.19 3.30 -29.91
CA HIS B 104 14.88 4.39 -30.58
C HIS B 104 13.91 5.26 -31.36
N HIS B 105 12.89 4.65 -31.96
CA HIS B 105 11.77 5.37 -32.57
C HIS B 105 10.50 4.77 -31.97
N PRO B 106 9.93 5.36 -30.92
CA PRO B 106 10.28 6.64 -30.27
C PRO B 106 11.45 6.50 -29.28
N PRO B 107 12.17 7.59 -29.01
CA PRO B 107 13.31 7.51 -28.08
C PRO B 107 12.89 7.40 -26.62
N ILE B 108 12.53 6.20 -26.19
CA ILE B 108 12.04 5.94 -24.84
C ILE B 108 13.13 5.20 -24.07
N SER B 109 13.50 5.74 -22.92
CA SER B 109 14.47 5.10 -22.02
C SER B 109 13.81 4.88 -20.66
N ALA B 110 13.90 3.66 -20.16
CA ALA B 110 13.31 3.27 -18.89
C ALA B 110 14.41 3.04 -17.86
N PHE B 111 14.10 3.34 -16.60
CA PHE B 111 15.07 3.24 -15.52
C PHE B 111 14.40 2.66 -14.29
N TYR B 112 15.22 2.23 -13.33
CA TYR B 112 14.73 1.67 -12.09
C TYR B 112 15.77 1.89 -11.00
N VAL B 113 15.32 2.33 -9.83
CA VAL B 113 16.20 2.60 -8.69
C VAL B 113 15.63 1.89 -7.47
N SER B 114 16.50 1.24 -6.70
CA SER B 114 16.07 0.50 -5.53
C SER B 114 17.11 0.58 -4.42
N ASN B 115 16.65 0.92 -3.21
CA ASN B 115 17.44 0.78 -1.99
C ASN B 115 16.48 0.21 -0.95
N ARG B 116 16.46 -1.11 -0.83
CA ARG B 116 15.46 -1.74 0.03
C ARG B 116 15.80 -1.58 1.50
N LYS B 117 17.08 -1.57 1.86
CA LYS B 117 17.43 -1.44 3.27
C LYS B 117 16.97 -0.11 3.83
N ASP B 118 17.08 0.97 3.05
CA ASP B 118 16.60 2.28 3.47
C ASP B 118 15.15 2.52 3.10
N GLY B 119 14.52 1.60 2.38
CA GLY B 119 13.08 1.60 2.24
C GLY B 119 12.52 2.49 1.14
N PHE B 120 13.18 2.57 -0.01
CA PHE B 120 12.65 3.34 -1.12
C PHE B 120 13.12 2.74 -2.44
N CYS B 121 12.38 3.06 -3.49
CA CYS B 121 12.73 2.66 -4.84
C CYS B 121 12.05 3.62 -5.81
N LEU B 122 12.53 3.63 -7.05
CA LEU B 122 11.97 4.51 -8.08
C LEU B 122 11.95 3.78 -9.42
N SER B 123 10.93 4.10 -10.21
CA SER B 123 10.80 3.58 -11.57
C SER B 123 10.31 4.71 -12.46
N GLY B 124 10.49 4.54 -13.76
CA GLY B 124 9.99 5.53 -14.69
C GLY B 124 10.40 5.22 -16.12
N SER B 125 9.81 5.98 -17.03
CA SER B 125 10.10 5.92 -18.45
C SER B 125 10.09 7.34 -18.98
N ILE B 126 11.08 7.68 -19.80
CA ILE B 126 11.28 9.03 -20.28
C ILE B 126 11.30 9.01 -21.81
N LEU B 127 10.41 9.78 -22.42
CA LEU B 127 10.35 9.94 -23.86
C LEU B 127 10.92 11.32 -24.21
N ALA B 128 11.87 11.35 -25.14
CA ALA B 128 12.57 12.58 -25.50
C ALA B 128 11.99 13.15 -26.78
N LYS B 129 11.58 14.41 -26.73
CA LYS B 129 11.07 15.13 -27.89
C LYS B 129 11.82 16.45 -28.00
N SER B 130 12.25 16.79 -29.21
CA SER B 130 12.88 18.06 -29.48
C SER B 130 11.97 18.89 -30.37
N LYS B 131 12.07 20.21 -30.23
CA LYS B 131 11.33 21.15 -31.08
C LYS B 131 12.25 22.31 -31.40
N PHE B 132 12.36 22.62 -32.69
CA PHE B 132 13.37 23.54 -33.21
C PHE B 132 12.71 24.86 -33.59
N TYR B 133 13.09 25.93 -32.89
CA TYR B 133 12.61 27.27 -33.17
C TYR B 133 13.60 28.07 -34.00
N GLY B 134 14.50 27.40 -34.71
CA GLY B 134 15.55 28.07 -35.44
C GLY B 134 16.80 28.27 -34.60
N ASN B 135 17.00 29.48 -34.10
CA ASN B 135 18.17 29.75 -33.28
C ASN B 135 18.10 29.06 -31.92
N SER B 136 16.89 28.78 -31.43
CA SER B 136 16.70 28.18 -30.12
C SER B 136 16.10 26.79 -30.25
N LEU B 137 16.47 25.92 -29.30
CA LEU B 137 16.02 24.53 -29.27
C LEU B 137 15.50 24.20 -27.88
N SER B 138 14.39 23.46 -27.82
CA SER B 138 13.76 23.07 -26.57
C SER B 138 13.66 21.56 -26.54
N ALA B 139 14.40 20.92 -25.62
CA ALA B 139 14.43 19.47 -25.50
C ALA B 139 13.49 19.05 -24.37
N ILE B 140 12.54 18.19 -24.70
CA ILE B 140 11.46 17.81 -23.78
C ILE B 140 11.76 16.44 -23.21
N LEU B 141 11.39 16.25 -21.94
CA LEU B 141 11.44 14.95 -21.28
C LEU B 141 10.06 14.70 -20.69
N GLU B 142 9.24 13.93 -21.39
CA GLU B 142 7.87 13.65 -20.97
C GLU B 142 7.78 12.22 -20.46
N GLY B 143 7.15 12.06 -19.31
CA GLY B 143 7.17 10.80 -18.59
C GLY B 143 7.07 11.06 -17.10
N GLU B 144 6.81 10.00 -16.36
CA GLU B 144 6.60 10.08 -14.92
C GLU B 144 7.61 9.23 -14.17
N ALA B 145 8.13 9.77 -13.08
CA ALA B 145 8.96 9.03 -12.14
C ALA B 145 8.14 8.79 -10.88
N ARG B 146 8.16 7.55 -10.39
CA ARG B 146 7.38 7.15 -9.24
C ARG B 146 8.32 6.78 -8.11
N LEU B 147 8.25 7.52 -7.00
CA LEU B 147 9.03 7.26 -5.80
C LEU B 147 8.14 6.55 -4.80
N THR B 148 8.59 5.41 -4.30
CA THR B 148 7.81 4.58 -3.39
C THR B 148 8.60 4.33 -2.11
N PHE B 149 7.97 4.58 -0.98
CA PHE B 149 8.51 4.21 0.32
C PHE B 149 7.94 2.84 0.67
N LEU B 150 8.80 1.82 0.65
CA LEU B 150 8.32 0.44 0.71
C LEU B 150 7.52 0.18 1.97
N ASN B 151 7.96 0.73 3.11
CA ASN B 151 7.27 0.46 4.37
C ASN B 151 5.89 1.11 4.41
N ARG B 152 5.72 2.25 3.73
CA ARG B 152 4.47 3.00 3.82
C ARG B 152 3.49 2.66 2.71
N GLY B 153 3.91 1.99 1.65
CA GLY B 153 3.02 1.77 0.52
C GLY B 153 2.54 3.09 -0.05
N GLU B 154 3.46 4.04 -0.21
CA GLU B 154 3.13 5.42 -0.51
C GLU B 154 3.94 5.85 -1.73
N ASP B 155 3.26 6.40 -2.72
CA ASP B 155 3.86 6.74 -4.00
C ASP B 155 3.94 8.26 -4.20
N TYR B 156 4.99 8.69 -4.88
CA TYR B 156 5.15 10.07 -5.30
C TYR B 156 5.36 10.09 -6.81
N VAL B 157 4.40 10.62 -7.54
CA VAL B 157 4.46 10.69 -8.99
C VAL B 157 5.02 12.06 -9.38
N MET B 158 6.09 12.06 -10.17
CA MET B 158 6.85 13.26 -10.44
C MET B 158 7.14 13.36 -11.94
N THR B 159 7.11 14.59 -12.45
CA THR B 159 7.54 14.88 -13.81
C THR B 159 8.82 15.70 -13.76
N MET B 160 9.40 15.91 -14.94
CA MET B 160 10.66 16.63 -15.06
C MET B 160 10.50 17.80 -16.02
N PRO B 161 11.35 18.81 -15.91
CA PRO B 161 11.25 19.99 -16.78
C PRO B 161 11.85 19.70 -18.15
N TYR B 162 11.85 20.73 -18.99
CA TYR B 162 12.53 20.67 -20.28
C TYR B 162 13.69 21.65 -20.28
N ALA B 163 14.68 21.37 -21.12
CA ALA B 163 15.84 22.24 -21.29
C ALA B 163 15.64 23.11 -22.51
N HIS B 164 15.74 24.42 -22.33
CA HIS B 164 15.62 25.39 -23.41
C HIS B 164 17.01 25.91 -23.75
N CYS B 165 17.41 25.76 -25.01
CA CYS B 165 18.73 26.13 -25.48
C CYS B 165 18.61 27.26 -26.48
N LYS B 166 19.34 28.34 -26.25
CA LYS B 166 19.39 29.47 -27.17
C LYS B 166 20.83 29.74 -27.58
N GLY B 167 20.99 30.34 -28.76
CA GLY B 167 22.31 30.67 -29.26
C GLY B 167 22.95 29.62 -30.13
N ILE B 168 22.15 28.71 -30.72
CA ILE B 168 22.72 27.65 -31.56
C ILE B 168 23.43 28.26 -32.77
N LEU B 169 22.69 29.03 -33.57
CA LEU B 169 23.22 29.55 -34.82
C LEU B 169 24.00 30.84 -34.59
N TYR B 170 23.42 31.80 -33.86
CA TYR B 170 24.06 33.07 -33.58
C TYR B 170 23.76 33.48 -32.15
N GLY B 171 24.56 34.42 -31.65
CA GLY B 171 24.37 34.93 -30.31
C GLY B 171 25.01 34.05 -29.25
N THR B 172 24.90 34.53 -28.02
CA THR B 172 25.50 33.81 -26.89
C THR B 172 24.77 32.48 -26.67
N MET B 173 25.53 31.45 -26.34
CA MET B 173 25.04 30.08 -26.24
C MET B 173 24.71 29.77 -24.78
N THR B 174 23.44 29.49 -24.50
CA THR B 174 22.98 29.27 -23.13
C THR B 174 22.04 28.08 -23.08
N LEU B 175 21.90 27.51 -21.88
CA LEU B 175 20.98 26.42 -21.63
C LEU B 175 20.26 26.69 -20.32
N GLU B 176 18.93 26.77 -20.38
CA GLU B 176 18.10 27.09 -19.23
C GLU B 176 17.10 25.96 -18.99
N LEU B 177 16.61 25.89 -17.75
CA LEU B 177 15.60 24.92 -17.36
C LEU B 177 14.26 25.62 -17.22
N GLY B 178 13.23 25.07 -17.84
CA GLY B 178 11.91 25.67 -17.81
C GLY B 178 10.84 24.61 -17.93
N GLY B 179 9.65 24.93 -17.41
CA GLY B 179 8.54 24.01 -17.39
C GLY B 179 7.86 24.00 -16.04
N THR B 180 6.82 23.18 -15.94
CA THR B 180 6.07 23.01 -14.70
C THR B 180 6.12 21.54 -14.30
N VAL B 181 6.74 21.27 -13.16
CA VAL B 181 6.81 19.94 -12.58
C VAL B 181 5.69 19.78 -11.57
N ASN B 182 5.19 18.56 -11.43
CA ASN B 182 4.22 18.24 -10.40
C ASN B 182 4.70 17.02 -9.61
N ILE B 183 4.74 17.17 -8.29
CA ILE B 183 5.11 16.10 -7.37
C ILE B 183 3.85 15.78 -6.56
N THR B 184 3.30 14.58 -6.75
CA THR B 184 1.98 14.26 -6.22
C THR B 184 2.02 12.93 -5.47
N CYS B 185 1.39 12.92 -4.30
CA CYS B 185 1.25 11.72 -3.48
C CYS B 185 -0.22 11.58 -3.12
N GLN B 186 -0.91 10.65 -3.79
CA GLN B 186 -2.35 10.51 -3.57
C GLN B 186 -2.66 9.88 -2.22
N LYS B 187 -1.77 9.00 -1.73
CA LYS B 187 -2.02 8.34 -0.45
C LYS B 187 -2.23 9.36 0.66
N THR B 188 -1.30 10.31 0.82
CA THR B 188 -1.35 11.31 1.92
C THR B 188 -2.19 12.53 1.54
N GLY B 189 -2.32 12.79 0.26
CA GLY B 189 -3.01 13.97 -0.20
C GLY B 189 -2.11 15.13 -0.55
N TYR B 190 -0.91 15.19 0.03
CA TYR B 190 -0.01 16.30 -0.21
C TYR B 190 0.54 16.27 -1.63
N SER B 191 1.07 17.41 -2.07
CA SER B 191 1.66 17.55 -3.39
C SER B 191 2.36 18.90 -3.46
N ALA B 192 3.26 19.03 -4.42
CA ALA B 192 4.00 20.27 -4.63
C ALA B 192 4.15 20.50 -6.12
N ILE B 193 3.82 21.74 -6.51
CA ILE B 193 3.95 22.16 -7.93
C ILE B 193 5.19 23.04 -8.04
N LEU B 194 6.10 22.67 -8.94
CA LEU B 194 7.29 23.46 -9.19
C LEU B 194 7.24 24.03 -10.59
N GLU B 195 7.70 25.27 -10.75
CA GLU B 195 7.72 25.96 -12.04
C GLU B 195 9.11 26.52 -12.29
N PHE B 196 9.84 25.92 -13.22
CA PHE B 196 11.12 26.45 -13.67
C PHE B 196 10.84 27.58 -14.66
N LYS B 197 11.53 28.71 -14.48
CA LYS B 197 11.19 29.95 -15.16
C LYS B 197 12.36 30.45 -15.98
N LEU B 198 12.10 30.76 -17.24
CA LEU B 198 13.08 31.30 -18.17
C LEU B 198 13.13 32.82 -18.05
N LYS B 199 14.25 33.39 -18.50
CA LYS B 199 14.45 34.83 -18.40
C LYS B 199 13.59 35.56 -19.44
N PRO B 200 13.11 36.78 -19.10
CA PRO B 200 12.30 37.54 -20.07
C PRO B 200 13.13 38.11 -21.21
N PHE B 201 12.49 38.90 -22.09
CA PHE B 201 13.15 39.42 -23.27
C PHE B 201 14.57 39.89 -22.98
N LEU B 202 14.71 40.83 -22.04
CA LEU B 202 16.04 41.28 -21.62
C LEU B 202 16.52 40.50 -20.40
N GLY B 203 15.76 40.55 -19.31
CA GLY B 203 16.11 39.82 -18.11
C GLY B 203 17.34 40.36 -17.43
N SER B 204 17.57 39.94 -16.19
CA SER B 204 18.78 40.25 -15.45
C SER B 204 19.42 38.95 -14.98
N SER B 205 20.60 39.06 -14.37
CA SER B 205 21.31 37.87 -13.91
C SER B 205 20.50 37.13 -12.83
N ASP B 206 19.55 37.80 -12.19
CA ASP B 206 18.72 37.21 -11.16
C ASP B 206 17.46 36.56 -11.72
N CYS B 207 17.33 36.44 -13.03
CA CYS B 207 16.17 35.86 -13.66
C CYS B 207 16.40 34.47 -14.22
N VAL B 208 17.60 34.20 -14.75
CA VAL B 208 17.90 32.86 -15.25
C VAL B 208 17.98 31.89 -14.08
N ASN B 209 17.45 30.68 -14.29
CA ASN B 209 17.42 29.63 -13.27
C ASN B 209 16.47 29.96 -12.13
N GLN B 210 15.47 30.80 -12.38
CA GLN B 210 14.49 31.11 -11.35
C GLN B 210 13.52 29.96 -11.19
N ILE B 211 13.30 29.54 -9.95
CA ILE B 211 12.39 28.44 -9.61
C ILE B 211 11.34 28.99 -8.67
N SER B 212 10.10 28.56 -8.87
CA SER B 212 8.97 28.99 -8.05
C SER B 212 7.98 27.85 -7.94
N GLY B 213 7.43 27.66 -6.74
CA GLY B 213 6.49 26.58 -6.52
C GLY B 213 5.81 26.73 -5.18
N LYS B 214 4.81 25.86 -4.97
CA LYS B 214 4.00 25.91 -3.75
C LYS B 214 3.63 24.50 -3.31
N LEU B 215 3.61 24.30 -1.99
CA LEU B 215 3.26 23.03 -1.38
C LEU B 215 1.80 23.06 -0.93
N LYS B 216 1.09 21.96 -1.19
CA LYS B 216 -0.35 21.90 -1.00
C LYS B 216 -0.74 20.63 -0.25
N LEU B 217 -1.85 20.72 0.47
CA LEU B 217 -2.56 19.56 1.03
C LEU B 217 -4.00 19.69 0.55
N GLY B 218 -4.35 18.95 -0.49
CA GLY B 218 -5.60 19.21 -1.17
C GLY B 218 -5.43 20.39 -2.13
N LYS B 219 -6.53 21.08 -2.39
CA LYS B 219 -6.46 22.32 -3.16
C LYS B 219 -5.91 23.49 -2.35
N GLU B 220 -5.80 23.34 -1.03
CA GLU B 220 -5.29 24.39 -0.17
C GLU B 220 -3.78 24.49 -0.25
N VAL B 221 -3.27 25.71 -0.32
CA VAL B 221 -1.84 25.96 -0.40
C VAL B 221 -1.31 26.22 1.01
N LEU B 222 -0.36 25.41 1.45
CA LEU B 222 0.21 25.55 2.79
C LEU B 222 1.37 26.55 2.79
N ALA B 223 2.38 26.30 1.96
CA ALA B 223 3.57 27.14 1.89
C ALA B 223 3.87 27.44 0.42
N THR B 224 4.88 28.28 0.20
CA THR B 224 5.32 28.63 -1.14
C THR B 224 6.83 28.73 -1.17
N LEU B 225 7.41 28.37 -2.32
CA LEU B 225 8.85 28.32 -2.51
C LEU B 225 9.28 29.39 -3.50
N GLU B 226 10.48 29.92 -3.25
CA GLU B 226 11.04 30.93 -4.16
C GLU B 226 12.57 30.84 -4.09
N GLY B 227 13.22 31.06 -5.21
CA GLY B 227 14.67 31.06 -5.27
C GLY B 227 15.15 30.66 -6.65
N HIS B 228 16.37 30.12 -6.69
CA HIS B 228 16.96 29.54 -7.89
C HIS B 228 17.37 28.11 -7.61
N TRP B 229 17.27 27.26 -8.64
CA TRP B 229 17.53 25.84 -8.44
C TRP B 229 19.01 25.49 -8.41
N ASP B 230 19.88 26.43 -8.74
CA ASP B 230 21.31 26.28 -8.53
C ASP B 230 21.80 27.03 -7.30
N SER B 231 20.89 27.57 -6.49
CA SER B 231 21.22 28.46 -5.39
C SER B 231 20.17 28.27 -4.30
N GLU B 232 20.12 29.21 -3.36
CA GLU B 232 19.18 29.13 -2.25
C GLU B 232 17.74 29.07 -2.75
N VAL B 233 16.92 28.29 -2.05
CA VAL B 233 15.48 28.23 -2.27
C VAL B 233 14.81 28.49 -0.93
N PHE B 234 13.89 29.46 -0.89
CA PHE B 234 13.27 29.92 0.34
C PHE B 234 11.82 29.47 0.43
N ILE B 235 11.42 29.01 1.60
CA ILE B 235 10.04 28.59 1.87
C ILE B 235 9.45 29.56 2.88
N THR B 236 8.20 29.96 2.62
CA THR B 236 7.48 30.89 3.52
C THR B 236 6.12 30.23 3.84
N ASP B 237 5.78 30.09 5.12
CA ASP B 237 4.53 29.46 5.51
C ASP B 237 3.39 30.45 5.33
N LYS B 238 2.35 30.04 4.60
CA LYS B 238 1.22 30.93 4.37
C LYS B 238 0.55 31.34 5.67
N LYS B 239 0.61 30.50 6.69
CA LYS B 239 0.04 30.85 7.99
C LYS B 239 0.94 31.82 8.74
N THR B 240 2.21 31.44 8.94
CA THR B 240 3.13 32.31 9.66
C THR B 240 3.54 33.52 8.84
N ASP B 241 3.54 33.40 7.52
CA ASP B 241 4.01 34.45 6.62
C ASP B 241 5.48 34.79 6.86
N ASN B 242 6.23 33.86 7.43
CA ASN B 242 7.64 34.05 7.73
C ASN B 242 8.47 33.15 6.83
N SER B 243 9.49 33.73 6.20
CA SER B 243 10.32 33.00 5.26
C SER B 243 11.45 32.27 5.97
N GLU B 244 11.94 31.21 5.33
CA GLU B 244 13.04 30.41 5.85
C GLU B 244 13.78 29.79 4.68
N VAL B 245 15.03 29.41 4.93
CA VAL B 245 15.85 28.75 3.91
C VAL B 245 15.40 27.30 3.79
N PHE B 246 14.89 26.94 2.61
CA PHE B 246 14.34 25.61 2.35
C PHE B 246 15.40 24.65 1.81
N TRP B 247 16.27 25.15 0.94
CA TRP B 247 17.32 24.33 0.34
C TRP B 247 18.40 25.19 -0.30
N ASN B 248 19.67 24.84 -0.07
CA ASN B 248 20.77 25.57 -0.68
C ASN B 248 21.93 24.61 -0.79
N PRO B 249 22.58 24.48 -1.95
CA PRO B 249 23.72 23.56 -2.06
C PRO B 249 24.95 24.08 -1.33
N THR B 250 24.92 24.00 -0.01
CA THR B 250 26.04 24.46 0.80
C THR B 250 27.30 23.68 0.44
N PRO B 251 28.48 24.29 0.55
CA PRO B 251 29.71 23.51 0.36
C PRO B 251 29.83 22.33 1.32
N ASP B 252 29.20 22.42 2.50
CA ASP B 252 29.09 21.25 3.36
C ASP B 252 28.22 20.18 2.70
N ILE B 253 27.11 20.58 2.08
CA ILE B 253 26.25 19.61 1.41
C ILE B 253 26.95 19.05 0.17
N LYS B 254 27.60 19.91 -0.60
CA LYS B 254 28.38 19.43 -1.73
C LYS B 254 29.49 18.50 -1.27
N GLN B 255 30.10 18.81 -0.13
CA GLN B 255 31.16 17.94 0.40
C GLN B 255 30.67 16.52 0.60
N TRP B 256 29.40 16.35 0.96
CA TRP B 256 28.81 15.02 1.16
C TRP B 256 27.84 14.76 0.02
N ARG B 257 28.36 14.22 -1.08
CA ARG B 257 27.56 13.61 -2.13
C ARG B 257 27.92 12.14 -2.16
N LEU B 258 26.92 11.28 -2.26
CA LEU B 258 27.19 9.85 -2.23
C LEU B 258 28.16 9.47 -3.33
N ILE B 259 29.09 8.58 -3.00
CA ILE B 259 30.10 8.14 -3.95
C ILE B 259 29.46 7.15 -4.91
N ARG B 260 29.62 7.40 -6.21
CA ARG B 260 29.04 6.56 -7.23
C ARG B 260 30.10 5.60 -7.77
N HIS B 261 29.72 4.34 -7.93
CA HIS B 261 30.60 3.31 -8.46
C HIS B 261 29.99 2.76 -9.74
N THR B 262 30.75 2.83 -10.83
CA THR B 262 30.39 2.21 -12.08
C THR B 262 31.01 0.82 -12.16
N VAL B 263 30.70 0.09 -13.23
CA VAL B 263 31.18 -1.27 -13.42
C VAL B 263 32.56 -1.21 -14.05
N LYS B 264 33.42 -2.16 -13.66
CA LYS B 264 34.74 -2.25 -14.24
C LYS B 264 34.63 -2.42 -15.75
N PHE B 265 35.49 -1.70 -16.49
CA PHE B 265 35.36 -1.66 -17.94
C PHE B 265 35.47 -3.05 -18.56
N GLU B 266 36.39 -3.88 -18.05
CA GLU B 266 36.55 -5.21 -18.59
C GLU B 266 35.37 -6.11 -18.23
N GLU B 267 34.68 -5.83 -17.14
CA GLU B 267 33.52 -6.59 -16.71
C GLU B 267 32.22 -6.05 -17.30
N GLN B 268 32.30 -5.09 -18.20
CA GLN B 268 31.11 -4.48 -18.78
C GLN B 268 30.71 -5.17 -20.07
N GLY B 269 29.41 -5.23 -20.31
CA GLY B 269 28.89 -5.70 -21.57
C GLY B 269 29.24 -4.75 -22.70
N ASP B 270 29.02 -5.23 -23.93
CA ASP B 270 29.41 -4.45 -25.10
C ASP B 270 28.44 -3.30 -25.38
N PHE B 271 27.18 -3.43 -24.97
CA PHE B 271 26.20 -2.38 -25.17
C PHE B 271 26.01 -1.48 -23.95
N GLU B 272 26.77 -1.72 -22.88
CA GLU B 272 26.75 -0.79 -21.77
C GLU B 272 27.26 0.57 -22.22
N SER B 273 26.78 1.63 -21.57
CA SER B 273 26.99 2.98 -22.08
C SER B 273 28.48 3.29 -22.21
N GLU B 274 29.26 3.01 -21.17
CA GLU B 274 30.68 3.37 -21.18
C GLU B 274 31.42 2.62 -22.29
N LYS B 275 31.23 1.31 -22.38
CA LYS B 275 31.93 0.52 -23.38
C LYS B 275 31.44 0.83 -24.78
N LEU B 276 30.14 1.07 -24.95
CA LEU B 276 29.59 1.28 -26.28
C LEU B 276 30.10 2.58 -26.89
N TRP B 277 30.19 3.65 -26.10
CA TRP B 277 30.55 4.97 -26.58
C TRP B 277 32.01 5.31 -26.37
N GLN B 278 32.83 4.34 -25.95
CA GLN B 278 34.22 4.64 -25.58
C GLN B 278 34.95 5.40 -26.68
N ARG B 279 34.74 5.01 -27.94
CA ARG B 279 35.46 5.67 -29.03
C ARG B 279 34.87 7.03 -29.33
N VAL B 280 33.54 7.18 -29.24
CA VAL B 280 32.92 8.48 -29.43
C VAL B 280 33.38 9.44 -28.33
N THR B 281 33.49 8.94 -27.10
CA THR B 281 33.90 9.79 -25.99
C THR B 281 35.38 10.17 -26.10
N ARG B 282 36.22 9.25 -26.56
CA ARG B 282 37.63 9.59 -26.75
C ARG B 282 37.81 10.65 -27.81
N ALA B 283 36.91 10.70 -28.79
CA ALA B 283 37.00 11.73 -29.84
C ALA B 283 36.61 13.10 -29.29
N ILE B 284 35.57 13.16 -28.45
CA ILE B 284 35.18 14.43 -27.84
C ILE B 284 36.29 14.91 -26.91
N ASN B 285 36.77 14.03 -26.03
CA ASN B 285 37.79 14.44 -25.08
C ASN B 285 39.10 14.79 -25.77
N ALA B 286 39.38 14.17 -26.91
CA ALA B 286 40.56 14.52 -27.71
C ALA B 286 40.34 15.78 -28.55
N LYS B 287 39.18 16.44 -28.41
CA LYS B 287 38.89 17.68 -29.11
C LYS B 287 38.78 17.47 -30.63
N ASP B 288 38.86 16.23 -31.10
CA ASP B 288 38.73 15.93 -32.52
C ASP B 288 37.25 15.80 -32.83
N GLN B 289 36.67 16.85 -33.44
CA GLN B 289 35.24 16.83 -33.74
C GLN B 289 34.92 15.98 -34.97
N THR B 290 35.81 15.96 -35.96
CA THR B 290 35.52 15.23 -37.19
C THR B 290 35.43 13.73 -36.93
N GLU B 291 36.44 13.19 -36.25
CA GLU B 291 36.40 11.76 -35.91
C GLU B 291 35.27 11.45 -34.94
N ALA B 292 34.86 12.43 -34.12
CA ALA B 292 33.77 12.20 -33.18
C ALA B 292 32.46 11.97 -33.90
N THR B 293 32.18 12.78 -34.92
CA THR B 293 30.94 12.59 -35.69
C THR B 293 30.94 11.24 -36.39
N GLN B 294 32.08 10.84 -36.95
CA GLN B 294 32.15 9.56 -37.65
C GLN B 294 31.94 8.40 -36.69
N GLU B 295 32.58 8.44 -35.51
CA GLU B 295 32.41 7.37 -34.54
C GLU B 295 30.96 7.23 -34.10
N LYS B 296 30.22 8.35 -34.04
CA LYS B 296 28.80 8.29 -33.71
C LYS B 296 28.00 7.70 -34.87
N TYR B 297 28.41 7.98 -36.11
CA TYR B 297 27.73 7.40 -37.26
C TYR B 297 27.86 5.88 -37.27
N VAL B 298 29.00 5.36 -36.81
CA VAL B 298 29.19 3.91 -36.78
C VAL B 298 28.12 3.26 -35.91
N LEU B 299 27.94 3.77 -34.70
CA LEU B 299 26.95 3.20 -33.79
C LEU B 299 25.54 3.36 -34.33
N GLU B 300 25.23 4.55 -34.86
CA GLU B 300 23.91 4.76 -35.45
C GLU B 300 23.69 3.85 -36.65
N GLU B 301 24.68 3.77 -37.54
CA GLU B 301 24.52 2.96 -38.75
C GLU B 301 24.36 1.49 -38.41
N ALA B 302 25.05 1.02 -37.37
CA ALA B 302 24.86 -0.36 -36.92
C ALA B 302 23.48 -0.56 -36.31
N GLN B 303 22.95 0.47 -35.64
CA GLN B 303 21.58 0.39 -35.12
C GLN B 303 20.58 0.35 -36.26
N ARG B 304 20.73 1.23 -37.24
CA ARG B 304 19.88 1.19 -38.43
C ARG B 304 20.07 -0.13 -39.17
N GLN B 305 21.30 -0.64 -39.21
CA GLN B 305 21.56 -1.91 -39.88
C GLN B 305 20.91 -3.06 -39.12
N ALA B 306 21.08 -3.10 -37.80
CA ALA B 306 20.50 -4.17 -37.01
C ALA B 306 18.99 -4.14 -37.07
N ALA B 307 18.40 -2.93 -37.11
CA ALA B 307 16.97 -2.81 -37.32
C ALA B 307 16.58 -3.29 -38.72
N ARG B 308 17.40 -2.93 -39.71
CA ARG B 308 17.16 -3.40 -41.07
C ARG B 308 17.27 -4.92 -41.16
N ASP B 309 18.30 -5.49 -40.53
CA ASP B 309 18.45 -6.94 -40.52
C ASP B 309 17.32 -7.62 -39.78
N ARG B 310 16.71 -6.97 -38.79
CA ARG B 310 15.62 -7.70 -38.10
C ARG B 310 14.34 -7.57 -38.91
N LYS B 311 14.22 -6.55 -39.78
CA LYS B 311 13.05 -6.42 -40.63
C LYS B 311 12.95 -7.55 -41.65
N THR B 312 14.08 -8.12 -42.06
CA THR B 312 14.07 -9.22 -43.02
C THR B 312 13.21 -10.37 -42.51
N LYS B 313 13.52 -10.86 -41.32
CA LYS B 313 12.71 -11.86 -40.63
C LYS B 313 11.70 -11.14 -39.73
N ASN B 314 11.03 -11.88 -38.85
CA ASN B 314 10.12 -11.30 -37.87
C ASN B 314 10.71 -11.34 -36.47
N GLU B 315 12.04 -11.34 -36.38
CA GLU B 315 12.73 -11.32 -35.08
C GLU B 315 12.48 -9.97 -34.42
N GLU B 316 11.68 -9.98 -33.36
CA GLU B 316 11.32 -8.79 -32.62
C GLU B 316 12.38 -8.50 -31.55
N TRP B 317 12.36 -7.27 -31.05
CA TRP B 317 13.35 -6.81 -30.09
C TRP B 317 12.78 -6.96 -28.69
N SER B 318 13.31 -7.91 -27.93
CA SER B 318 12.92 -8.14 -26.54
C SER B 318 13.94 -7.45 -25.64
N CYS B 319 13.50 -6.45 -24.91
CA CYS B 319 14.37 -5.77 -23.96
C CYS B 319 14.80 -6.75 -22.87
N LYS B 320 16.08 -6.74 -22.54
CA LYS B 320 16.63 -7.75 -21.63
C LYS B 320 16.11 -7.55 -20.21
N LEU B 321 16.10 -6.32 -19.72
CA LEU B 321 15.81 -6.04 -18.32
C LEU B 321 14.44 -5.40 -18.08
N PHE B 322 13.73 -4.99 -19.13
CA PHE B 322 12.47 -4.28 -18.98
C PHE B 322 11.42 -4.90 -19.89
N GLU B 323 10.16 -4.65 -19.56
CA GLU B 323 9.03 -5.14 -20.35
C GLU B 323 7.88 -4.16 -20.24
N LEU B 324 7.20 -3.92 -21.35
CA LEU B 324 6.10 -2.97 -21.40
C LEU B 324 4.79 -3.67 -21.12
N ASP B 325 4.13 -3.27 -20.04
CA ASP B 325 2.81 -3.80 -19.73
C ASP B 325 1.81 -3.21 -20.73
N PRO B 326 1.15 -4.02 -21.56
CA PRO B 326 0.20 -3.45 -22.52
C PRO B 326 -0.98 -2.74 -21.87
N LEU B 327 -1.45 -3.25 -20.73
CA LEU B 327 -2.67 -2.70 -20.12
C LEU B 327 -2.42 -1.30 -19.57
N THR B 328 -1.39 -1.14 -18.75
CA THR B 328 -1.08 0.16 -18.16
C THR B 328 -0.35 1.06 -19.14
N GLY B 329 0.39 0.49 -20.08
CA GLY B 329 1.24 1.27 -20.96
C GLY B 329 2.56 1.70 -20.34
N GLU B 330 2.81 1.31 -19.10
CA GLU B 330 4.02 1.69 -18.38
C GLU B 330 5.11 0.65 -18.58
N TRP B 331 6.36 1.10 -18.52
CA TRP B 331 7.51 0.22 -18.60
C TRP B 331 7.94 -0.19 -17.19
N HIS B 332 8.10 -1.49 -16.97
CA HIS B 332 8.35 -2.05 -15.66
C HIS B 332 9.63 -2.87 -15.67
N TYR B 333 10.51 -2.59 -14.71
CA TYR B 333 11.71 -3.39 -14.51
C TYR B 333 11.32 -4.83 -14.18
N LYS B 334 11.94 -5.78 -14.87
CA LYS B 334 11.55 -7.18 -14.71
C LYS B 334 11.68 -7.64 -13.26
N PHE B 335 12.76 -7.26 -12.58
CA PHE B 335 13.11 -7.81 -11.29
C PHE B 335 12.83 -6.84 -10.14
N ALA B 336 11.80 -6.00 -10.27
CA ALA B 336 11.44 -5.08 -9.21
C ALA B 336 11.01 -5.86 -7.96
N ASP B 337 11.36 -5.33 -6.79
CA ASP B 337 11.03 -5.94 -5.51
C ASP B 337 10.58 -4.84 -4.56
N THR B 338 9.31 -4.88 -4.17
CA THR B 338 8.72 -3.81 -3.34
C THR B 338 8.59 -4.29 -1.90
N ARG B 339 9.09 -5.49 -1.58
CA ARG B 339 8.90 -6.03 -0.24
C ARG B 339 9.71 -5.22 0.76
N PRO B 340 9.12 -4.75 1.86
CA PRO B 340 9.89 -3.98 2.84
C PRO B 340 11.02 -4.81 3.43
N TRP B 341 12.11 -4.13 3.79
CA TRP B 341 13.27 -4.80 4.34
C TRP B 341 12.91 -5.49 5.65
N ASP B 342 13.22 -6.78 5.74
CA ASP B 342 12.96 -7.56 6.96
C ASP B 342 14.30 -7.89 7.61
N PRO B 343 14.64 -7.28 8.75
CA PRO B 343 15.97 -7.53 9.33
C PRO B 343 16.25 -9.00 9.60
N LEU B 344 15.23 -9.78 10.00
CA LEU B 344 15.45 -11.18 10.31
C LEU B 344 15.68 -12.02 9.05
N ASN B 345 15.29 -11.52 7.87
CA ASN B 345 15.37 -12.30 6.65
C ASN B 345 16.36 -11.73 5.64
N ASP B 346 16.23 -10.45 5.28
CA ASP B 346 17.14 -9.88 4.29
C ASP B 346 18.53 -9.70 4.88
N MET B 347 19.52 -9.99 4.05
CA MET B 347 20.93 -9.90 4.51
C MET B 347 21.67 -8.83 3.70
N ILE B 348 21.65 -8.95 2.38
CA ILE B 348 22.44 -8.02 1.52
C ILE B 348 21.75 -7.75 0.20
N GLN B 349 21.59 -6.49 -0.16
CA GLN B 349 21.12 -6.14 -1.50
C GLN B 349 22.33 -5.95 -2.40
N PHE B 350 22.30 -6.60 -3.56
CA PHE B 350 23.42 -6.55 -4.49
C PHE B 350 22.87 -6.57 -5.92
N GLU B 351 23.76 -6.31 -6.87
CA GLU B 351 23.41 -6.30 -8.28
C GLU B 351 24.45 -7.12 -9.04
N LYS B 352 23.98 -7.90 -10.01
CA LYS B 352 24.87 -8.80 -10.75
C LYS B 352 24.31 -8.95 -12.16
N ASP B 353 25.07 -8.47 -13.15
CA ASP B 353 24.71 -8.60 -14.56
C ASP B 353 23.34 -8.00 -14.84
N GLY B 354 23.12 -6.77 -14.37
CA GLY B 354 21.91 -6.04 -14.67
C GLY B 354 20.77 -6.28 -13.72
N VAL B 355 20.84 -7.30 -12.87
CA VAL B 355 19.71 -7.76 -12.07
C VAL B 355 19.96 -7.35 -10.62
N ILE B 356 19.05 -6.52 -10.08
CA ILE B 356 19.12 -6.08 -8.70
C ILE B 356 18.44 -7.15 -7.83
N GLN B 357 19.18 -7.67 -6.85
CA GLN B 357 18.76 -8.80 -6.06
C GLN B 357 18.98 -8.51 -4.58
N THR B 358 18.42 -9.37 -3.73
CA THR B 358 18.66 -9.32 -2.30
C THR B 358 18.92 -10.73 -1.79
N LYS B 359 20.02 -10.91 -1.06
CA LYS B 359 20.32 -12.20 -0.45
C LYS B 359 19.52 -12.35 0.84
N VAL B 360 18.78 -13.46 0.95
CA VAL B 360 17.84 -13.65 2.05
C VAL B 360 18.06 -15.02 2.69
N LYS B 361 17.56 -15.15 3.92
CA LYS B 361 17.61 -16.43 4.63
C LYS B 361 16.57 -17.41 4.10
N HIS B 362 15.36 -16.92 3.80
CA HIS B 362 14.24 -17.76 3.41
C HIS B 362 13.60 -17.18 2.14
N ARG B 363 13.52 -18.00 1.10
CA ARG B 363 12.91 -17.57 -0.15
C ARG B 363 11.45 -17.21 0.06
N THR B 364 11.01 -16.14 -0.58
CA THR B 364 9.63 -15.69 -0.49
C THR B 364 9.08 -15.35 -1.88
#